data_6E9E
#
_entry.id   6E9E
#
_cell.length_a   1
_cell.length_b   1
_cell.length_c   1
_cell.angle_alpha   90
_cell.angle_beta   90
_cell.angle_gamma   90
#
_symmetry.space_group_name_H-M   'P 1'
#
loop_
_entity.id
_entity.type
_entity.pdbx_description
1 polymer 'crRNA (52-MER)'
2 polymer EsCas13d
3 non-polymer 'MAGNESIUM ION'
#
loop_
_entity_poly.entity_id
_entity_poly.type
_entity_poly.pdbx_seq_one_letter_code
_entity_poly.pdbx_strand_id
1 'polyribonucleotide' CACCCGUGCAAAAAUGCAGGGGUCUAAAACGACCUGAAUAUUUCAGAUCAA B
2 'polypeptide(L)'
;MGKKIHARDLREQRKTDRTEKFADQNKKREAERAVPKKDAAVSVKSVSSVSSKKDNVTKSMAKAAGVKSVFAVGNTVYMT
SFGRGNDAVLEQKIVDTSHEPLNIDDPAYQLNVVTMNGYSVTGHRGETVSAVTDNPLRRFNGRKKDEPEQSVPTDMLCLK
PTLEKKFFGKEFDDNIHIQLIYNILDIEKILAVYSTNAIYALNNMSADENIENSDFFMKRTTDETFDDFEKKKESTNSRE
KADFDAFEKFIGNYRLAYFADAFYVNKKNPKGKAKNVLREDKELYSVLTLIGKLRHWCVHSEEGRAEFWLYKLDELKDDF
KNVLDVVYNRPVEEINNRFIENNKVNIQILGSVYKNTDIAELVRSYYEFLITKKYKNMGFSIKKLRESMLEGKGYADKEY
DSVRNKLYQMTDFILYTGYINEDSDRADDLVNTLRSSLKEDDKTTVYCKEADYLWKKYRESIREVADALDGDNIKKLSKS
NIEIQEDKLRKCFISYADSVSEFTKLIYLLTRFLSGKEINDLVTTLINKFDNIRSFLEIMDELGLDRTFTAEYSFFEGST
KYLAELVELNSFVKSCSFDINAKRTMYRDALDILGIESDKTEEDIEKMIDNILQIDANGDKKLKKNNGLRNFIASNVIDS
NRFKYLVRYGNPKKIRETAKCKPAVRFVLNEIPDAQIERYYEACCPKNTALCSANKRREKLADMIAEIKFENFSDAGNYQ
KANVTSRTSEAEIKRKNQAIIRLYLTVMYIMLKNLVNVNARYVIAFHCVERDTKLYAESGLEVGNIEKNKTNLTMAVMGV
KLENGIIKTEFDKSFAENAANRYLRNARWYKLILDNLKKSERAVVNEFRNTVCHLNAIRNININIKEIKEVENYFALYHY
LIQKHLENRFADKKVERDTGDFISKLEEHKTYCKDFVKAYCTPFGYNLVRYKNLTIDGLFDKNYPGKDDSDEQK
;
A
#
loop_
_chem_comp.id
_chem_comp.type
_chem_comp.name
_chem_comp.formula
A RNA linking ADENOSINE-5'-MONOPHOSPHATE 'C10 H14 N5 O7 P'
C RNA linking CYTIDINE-5'-MONOPHOSPHATE 'C9 H14 N3 O8 P'
G RNA linking GUANOSINE-5'-MONOPHOSPHATE 'C10 H14 N5 O8 P'
MG non-polymer 'MAGNESIUM ION' 'Mg 2'
U RNA linking URIDINE-5'-MONOPHOSPHATE 'C9 H13 N2 O9 P'
#
# COMPACT_ATOMS: atom_id res chain seq x y z
N THR B 58 25.76 -3.48 10.38
CA THR B 58 24.50 -4.00 9.87
C THR B 58 24.30 -3.59 8.41
N LYS B 59 24.71 -2.38 8.08
CA LYS B 59 24.49 -1.80 6.76
C LYS B 59 25.75 -1.96 5.91
N SER B 60 25.57 -1.91 4.60
CA SER B 60 26.66 -2.13 3.67
C SER B 60 27.64 -0.96 3.70
N MET B 61 28.93 -1.29 3.80
CA MET B 61 29.97 -0.26 3.80
C MET B 61 30.16 0.37 2.43
N ALA B 62 29.81 -0.35 1.35
CA ALA B 62 30.01 0.20 0.02
C ALA B 62 29.11 1.39 -0.22
N LYS B 63 27.84 1.30 0.17
CA LYS B 63 26.89 2.38 -0.06
C LYS B 63 27.01 3.51 0.95
N ALA B 64 27.82 3.34 1.99
CA ALA B 64 28.17 4.45 2.86
C ALA B 64 29.33 5.25 2.30
N ALA B 65 30.20 4.61 1.53
CA ALA B 65 31.31 5.28 0.87
C ALA B 65 30.89 6.06 -0.36
N GLY B 66 29.62 6.00 -0.75
CA GLY B 66 29.13 6.68 -1.92
C GLY B 66 29.02 5.81 -3.16
N VAL B 67 29.17 4.49 -3.02
CA VAL B 67 29.00 3.60 -4.16
C VAL B 67 27.51 3.37 -4.35
N LYS B 68 27.07 3.33 -5.60
CA LYS B 68 25.67 3.23 -5.96
C LYS B 68 25.39 1.92 -6.65
N SER B 69 26.13 1.64 -7.72
CA SER B 69 25.97 0.41 -8.46
C SER B 69 27.27 0.10 -9.19
N VAL B 70 27.32 -1.11 -9.75
CA VAL B 70 28.47 -1.58 -10.51
C VAL B 70 27.91 -2.36 -11.70
N PHE B 71 28.11 -1.81 -12.89
CA PHE B 71 27.52 -2.34 -14.11
C PHE B 71 28.58 -3.07 -14.92
N ALA B 72 28.13 -3.91 -15.84
CA ALA B 72 28.99 -4.70 -16.71
C ALA B 72 28.56 -4.46 -18.15
N VAL B 73 29.53 -4.22 -19.03
CA VAL B 73 29.29 -3.99 -20.44
C VAL B 73 30.44 -4.60 -21.21
N GLY B 74 30.14 -5.63 -22.01
CA GLY B 74 31.19 -6.34 -22.72
C GLY B 74 32.22 -6.87 -21.75
N ASN B 75 33.49 -6.61 -22.05
CA ASN B 75 34.55 -6.84 -21.08
C ASN B 75 34.64 -5.72 -20.06
N THR B 76 34.18 -4.52 -20.43
CA THR B 76 34.36 -3.35 -19.58
C THR B 76 33.48 -3.44 -18.35
N VAL B 77 33.84 -2.67 -17.34
CA VAL B 77 33.07 -2.53 -16.11
C VAL B 77 33.03 -1.05 -15.76
N TYR B 78 31.84 -0.57 -15.44
CA TYR B 78 31.62 0.81 -15.05
C TYR B 78 31.27 0.86 -13.58
N MET B 79 31.00 2.07 -13.09
CA MET B 79 30.71 2.28 -11.69
C MET B 79 30.05 3.64 -11.56
N THR B 80 29.17 3.77 -10.57
CA THR B 80 28.35 4.95 -10.38
C THR B 80 28.47 5.44 -8.95
N SER B 81 27.77 6.53 -8.64
CA SER B 81 27.79 7.11 -7.32
C SER B 81 26.51 7.88 -7.09
N PHE B 82 26.33 8.32 -5.85
CA PHE B 82 25.10 9.00 -5.45
C PHE B 82 25.16 10.47 -5.84
N GLY B 83 24.07 10.95 -6.42
CA GLY B 83 23.90 12.34 -6.79
C GLY B 83 22.78 12.99 -6.00
N ARG B 84 21.91 13.69 -6.71
CA ARG B 84 20.77 14.37 -6.11
C ARG B 84 19.61 13.39 -6.04
N GLY B 85 19.35 12.88 -4.84
CA GLY B 85 18.26 11.92 -4.68
C GLY B 85 18.59 10.62 -5.37
N ASN B 86 17.80 10.29 -6.38
CA ASN B 86 17.96 9.08 -7.17
C ASN B 86 18.67 9.35 -8.49
N ASP B 87 19.42 10.43 -8.59
CA ASP B 87 20.20 10.69 -9.78
C ASP B 87 21.52 9.92 -9.74
N ALA B 88 21.97 9.51 -10.91
CA ALA B 88 23.11 8.61 -11.04
C ALA B 88 24.29 9.36 -11.64
N VAL B 89 25.39 9.42 -10.89
CA VAL B 89 26.62 10.07 -11.32
C VAL B 89 27.64 9.00 -11.66
N LEU B 90 28.33 9.18 -12.78
CA LEU B 90 29.34 8.21 -13.21
C LEU B 90 30.66 8.42 -12.47
N GLU B 91 31.40 7.34 -12.34
CA GLU B 91 32.69 7.33 -11.67
C GLU B 91 33.57 6.39 -12.49
N GLN B 92 34.67 5.92 -11.89
CA GLN B 92 35.68 5.12 -12.57
C GLN B 92 35.06 3.98 -13.38
N LYS B 93 35.57 3.82 -14.60
CA LYS B 93 35.41 2.60 -15.37
C LYS B 93 36.61 1.71 -15.13
N ILE B 94 36.53 0.47 -15.58
CA ILE B 94 37.53 -0.54 -15.28
C ILE B 94 37.69 -1.44 -16.49
N VAL B 95 38.94 -1.73 -16.86
CA VAL B 95 39.26 -2.78 -17.82
C VAL B 95 40.49 -3.51 -17.31
N ASP B 96 40.28 -4.66 -16.67
CA ASP B 96 41.34 -5.56 -16.20
C ASP B 96 42.47 -4.83 -15.47
N THR B 97 42.14 -4.22 -14.32
CA THR B 97 43.12 -3.53 -13.46
C THR B 97 43.62 -2.24 -14.10
N SER B 98 42.81 -1.61 -14.95
CA SER B 98 43.15 -0.34 -15.57
C SER B 98 41.94 0.59 -15.44
N HIS B 99 42.04 1.57 -14.53
CA HIS B 99 40.90 2.41 -14.18
C HIS B 99 41.11 3.82 -14.69
N GLU B 100 40.19 4.28 -15.56
CA GLU B 100 40.15 5.66 -15.99
C GLU B 100 39.18 6.43 -15.09
N PRO B 101 39.58 7.52 -14.45
CA PRO B 101 38.63 8.25 -13.61
C PRO B 101 37.69 9.11 -14.45
N LEU B 102 36.45 9.21 -13.99
CA LEU B 102 35.42 10.05 -14.58
C LEU B 102 34.85 10.96 -13.51
N ASN B 103 34.28 12.09 -13.96
CA ASN B 103 33.85 13.16 -13.07
C ASN B 103 35.01 13.61 -12.18
N ILE B 104 36.01 14.18 -12.83
CA ILE B 104 37.24 14.57 -12.14
C ILE B 104 36.94 15.66 -11.11
N ASP B 105 35.97 16.52 -11.40
CA ASP B 105 35.58 17.58 -10.48
C ASP B 105 34.62 17.02 -9.44
N ASP B 106 35.01 17.10 -8.18
CA ASP B 106 34.19 16.67 -7.05
C ASP B 106 33.85 15.17 -7.15
N PRO B 107 34.82 14.28 -7.00
CA PRO B 107 34.51 12.87 -6.88
C PRO B 107 34.08 12.53 -5.46
N ALA B 108 33.28 11.47 -5.35
CA ALA B 108 32.75 11.07 -4.06
C ALA B 108 33.72 10.13 -3.33
N TYR B 109 34.32 9.20 -4.06
CA TYR B 109 35.24 8.23 -3.50
C TYR B 109 36.35 7.95 -4.50
N GLN B 110 37.53 7.67 -3.97
CA GLN B 110 38.65 7.19 -4.77
C GLN B 110 38.85 5.70 -4.54
N LEU B 111 39.10 4.97 -5.61
CA LEU B 111 39.49 3.58 -5.49
C LEU B 111 41.01 3.53 -5.36
N ASN B 112 41.47 2.84 -4.32
CA ASN B 112 42.86 2.86 -3.91
C ASN B 112 43.59 1.59 -4.31
N VAL B 113 42.90 0.45 -4.29
CA VAL B 113 43.46 -0.83 -4.71
C VAL B 113 42.46 -1.44 -5.68
N VAL B 114 42.98 -2.09 -6.72
CA VAL B 114 42.16 -2.70 -7.77
C VAL B 114 42.76 -4.04 -8.12
N THR B 115 41.90 -4.96 -8.57
CA THR B 115 42.34 -6.29 -8.99
C THR B 115 41.21 -6.94 -9.77
N MET B 116 41.37 -8.23 -10.07
CA MET B 116 40.42 -8.92 -10.93
C MET B 116 39.15 -9.31 -10.16
N ASN B 117 39.27 -9.55 -8.85
CA ASN B 117 38.19 -10.13 -8.06
C ASN B 117 37.63 -9.19 -7.01
N GLY B 118 38.00 -7.92 -7.02
CA GLY B 118 37.56 -7.02 -5.97
C GLY B 118 38.06 -5.61 -6.23
N TYR B 119 37.26 -4.65 -5.77
CA TYR B 119 37.51 -3.23 -5.99
C TYR B 119 37.40 -2.52 -4.65
N SER B 120 38.53 -2.04 -4.14
CA SER B 120 38.54 -1.31 -2.88
C SER B 120 38.25 0.16 -3.14
N VAL B 121 37.71 0.84 -2.12
CA VAL B 121 37.32 2.24 -2.25
C VAL B 121 37.48 2.94 -0.91
N THR B 122 37.41 4.27 -0.96
CA THR B 122 37.41 5.11 0.23
C THR B 122 36.68 6.40 -0.12
N GLY B 123 35.76 6.80 0.75
CA GLY B 123 34.90 7.92 0.45
C GLY B 123 35.42 9.24 0.98
N HIS B 124 35.06 10.31 0.28
CA HIS B 124 35.53 11.66 0.58
C HIS B 124 34.48 12.53 1.27
N ARG B 125 33.27 12.02 1.49
CA ARG B 125 32.14 12.83 1.92
C ARG B 125 31.68 12.42 3.31
N GLY B 126 31.53 13.42 4.17
CA GLY B 126 31.03 13.21 5.52
C GLY B 126 31.98 12.33 6.31
N GLU B 127 31.43 11.29 6.92
CA GLU B 127 32.20 10.33 7.68
C GLU B 127 32.96 9.45 6.69
N THR B 128 34.28 9.56 6.69
CA THR B 128 35.09 8.83 5.72
C THR B 128 35.02 7.34 6.00
N VAL B 129 34.62 6.58 4.99
CA VAL B 129 34.50 5.13 5.09
C VAL B 129 35.33 4.50 3.98
N SER B 130 36.03 3.43 4.35
CA SER B 130 36.81 2.62 3.43
C SER B 130 36.23 1.22 3.40
N ALA B 131 36.03 0.69 2.19
CA ALA B 131 35.23 -0.50 2.01
C ALA B 131 35.77 -1.29 0.83
N VAL B 132 34.98 -2.28 0.38
CA VAL B 132 35.38 -3.22 -0.66
C VAL B 132 34.16 -3.48 -1.52
N THR B 133 34.40 -3.98 -2.73
CA THR B 133 33.33 -4.23 -3.69
C THR B 133 33.77 -5.34 -4.63
N ASP B 134 32.79 -6.11 -5.10
CA ASP B 134 33.05 -7.32 -5.86
C ASP B 134 32.80 -7.10 -7.34
N ASN B 135 33.24 -8.05 -8.15
CA ASN B 135 33.19 -7.90 -9.60
C ASN B 135 31.99 -8.66 -10.16
N PRO B 136 31.19 -8.05 -11.04
CA PRO B 136 30.08 -8.83 -11.63
C PRO B 136 30.53 -9.94 -12.55
N LEU B 137 31.48 -9.66 -13.45
CA LEU B 137 31.86 -10.62 -14.49
C LEU B 137 32.42 -11.91 -13.94
N ARG B 138 32.90 -11.91 -12.70
CA ARG B 138 33.42 -13.11 -12.05
C ARG B 138 32.31 -13.92 -11.36
N ARG B 139 31.07 -13.45 -11.41
CA ARG B 139 29.98 -14.11 -10.71
C ARG B 139 29.69 -15.47 -11.32
N PHE B 140 29.50 -16.47 -10.47
CA PHE B 140 29.31 -17.87 -10.87
C PHE B 140 30.53 -18.44 -11.57
N ASN B 141 31.72 -17.91 -11.27
CA ASN B 141 32.95 -18.33 -11.93
C ASN B 141 34.14 -18.38 -10.98
N GLY B 142 33.91 -18.53 -9.68
CA GLY B 142 34.99 -18.50 -8.72
C GLY B 142 35.89 -19.72 -8.74
N ARG B 143 35.35 -20.88 -8.39
CA ARG B 143 36.12 -22.11 -8.26
C ARG B 143 35.54 -23.16 -9.18
N LYS B 144 36.20 -23.38 -10.32
CA LYS B 144 35.73 -24.34 -11.32
C LYS B 144 36.91 -25.11 -11.90
N PRO B 148 35.22 -17.28 -20.36
CA PRO B 148 34.68 -18.25 -19.41
C PRO B 148 34.73 -17.75 -17.97
N GLU B 149 35.90 -17.29 -17.55
CA GLU B 149 36.08 -16.73 -16.22
C GLU B 149 35.65 -15.27 -16.14
N GLN B 150 35.25 -14.66 -17.25
CA GLN B 150 34.76 -13.29 -17.28
C GLN B 150 33.62 -13.22 -18.27
N SER B 151 32.40 -13.04 -17.76
CA SER B 151 31.22 -12.93 -18.61
C SER B 151 30.09 -12.39 -17.77
N VAL B 152 29.13 -11.76 -18.44
CA VAL B 152 28.00 -11.11 -17.76
C VAL B 152 27.21 -12.16 -16.98
N PRO B 153 26.64 -11.81 -15.82
CA PRO B 153 25.80 -12.78 -15.13
C PRO B 153 24.42 -12.88 -15.75
N THR B 154 23.58 -13.74 -15.18
CA THR B 154 22.19 -13.86 -15.59
C THR B 154 21.35 -14.06 -14.34
N ASP B 155 20.07 -13.73 -14.45
CA ASP B 155 19.22 -13.73 -13.27
C ASP B 155 19.01 -15.15 -12.76
N MET B 156 18.56 -15.23 -11.50
CA MET B 156 18.43 -16.53 -10.85
C MET B 156 17.31 -17.38 -11.46
N LEU B 157 16.50 -16.82 -12.35
CA LEU B 157 15.51 -17.57 -13.10
C LEU B 157 15.99 -17.97 -14.50
N CYS B 158 17.22 -17.60 -14.87
CA CYS B 158 17.76 -17.88 -16.20
C CYS B 158 16.84 -17.38 -17.30
N LEU B 159 16.25 -16.19 -17.10
CA LEU B 159 15.22 -15.65 -17.96
C LEU B 159 15.56 -14.24 -18.45
N LYS B 160 16.85 -13.89 -18.49
CA LYS B 160 17.25 -12.54 -18.89
C LYS B 160 17.01 -12.25 -20.36
N PRO B 161 17.36 -13.12 -21.31
CA PRO B 161 17.23 -12.74 -22.73
C PRO B 161 15.80 -12.48 -23.18
N THR B 162 14.86 -13.33 -22.74
CA THR B 162 13.49 -13.23 -23.24
C THR B 162 12.83 -11.95 -22.79
N LEU B 163 13.20 -11.43 -21.62
CA LEU B 163 12.68 -10.15 -21.17
C LEU B 163 13.23 -9.00 -22.03
N GLU B 164 14.56 -8.99 -22.22
CA GLU B 164 15.17 -8.03 -23.13
C GLU B 164 14.61 -8.17 -24.54
N LYS B 165 14.28 -9.40 -24.92
CA LYS B 165 13.73 -9.66 -26.25
C LYS B 165 12.34 -9.07 -26.43
N LYS B 166 11.62 -8.80 -25.34
CA LYS B 166 10.22 -8.41 -25.44
C LYS B 166 10.03 -6.91 -25.34
N PHE B 167 10.48 -6.31 -24.24
CA PHE B 167 10.41 -4.86 -24.10
C PHE B 167 11.24 -4.17 -25.19
N PHE B 168 12.54 -4.41 -25.18
CA PHE B 168 13.40 -4.07 -26.29
C PHE B 168 13.26 -5.16 -27.36
N GLY B 169 14.00 -5.02 -28.46
CA GLY B 169 13.86 -5.93 -29.57
C GLY B 169 14.91 -7.04 -29.64
N LYS B 170 16.05 -6.82 -28.99
CA LYS B 170 17.20 -7.71 -29.13
C LYS B 170 17.82 -8.09 -27.79
N GLU B 171 18.71 -9.07 -27.81
CA GLU B 171 19.49 -9.45 -26.64
C GLU B 171 20.69 -8.53 -26.51
N PHE B 172 21.09 -8.27 -25.27
CA PHE B 172 22.24 -7.41 -24.97
C PHE B 172 23.26 -8.16 -24.13
N ASP B 173 24.51 -7.72 -24.24
CA ASP B 173 25.62 -8.22 -23.43
C ASP B 173 25.84 -7.35 -22.20
N ASP B 174 24.77 -6.83 -21.62
CA ASP B 174 24.81 -5.94 -20.47
C ASP B 174 23.97 -6.50 -19.34
N ASN B 175 24.01 -5.83 -18.19
CA ASN B 175 23.10 -6.07 -17.09
C ASN B 175 22.34 -4.82 -16.67
N ILE B 176 22.40 -3.76 -17.48
CA ILE B 176 21.72 -2.52 -17.12
C ILE B 176 20.26 -2.56 -17.55
N HIS B 177 19.98 -3.28 -18.64
CA HIS B 177 18.62 -3.35 -19.14
C HIS B 177 17.76 -4.24 -18.25
N ILE B 178 18.37 -5.22 -17.59
CA ILE B 178 17.58 -6.17 -16.80
C ILE B 178 17.24 -5.59 -15.43
N GLN B 179 18.14 -4.77 -14.86
CA GLN B 179 17.80 -4.06 -13.63
C GLN B 179 16.60 -3.14 -13.85
N LEU B 180 16.44 -2.66 -15.08
CA LEU B 180 15.30 -1.82 -15.43
C LEU B 180 14.01 -2.62 -15.42
N ILE B 181 14.02 -3.78 -16.07
CA ILE B 181 12.79 -4.51 -16.34
C ILE B 181 12.15 -5.02 -15.05
N TYR B 182 12.98 -5.39 -14.06
CA TYR B 182 12.46 -5.89 -12.80
C TYR B 182 11.80 -4.80 -11.96
N ASN B 183 11.83 -3.54 -12.42
CA ASN B 183 11.02 -2.50 -11.79
C ASN B 183 9.70 -2.33 -12.52
N ILE B 184 9.70 -2.56 -13.83
CA ILE B 184 8.45 -2.57 -14.60
C ILE B 184 7.55 -3.71 -14.12
N LEU B 185 8.16 -4.85 -13.81
CA LEU B 185 7.38 -5.98 -13.28
C LEU B 185 6.90 -5.71 -11.87
N ASP B 186 7.48 -4.73 -11.17
CA ASP B 186 7.09 -4.49 -9.78
C ASP B 186 5.91 -3.54 -9.68
N ILE B 187 5.58 -2.80 -10.75
CA ILE B 187 4.39 -1.95 -10.72
C ILE B 187 3.16 -2.76 -11.13
N GLU B 188 3.32 -3.68 -12.07
CA GLU B 188 2.24 -4.63 -12.37
C GLU B 188 1.97 -5.54 -11.17
N LYS B 189 2.96 -5.73 -10.31
CA LYS B 189 2.73 -6.57 -9.11
C LYS B 189 1.85 -5.77 -8.14
N ILE B 190 2.32 -4.57 -7.79
CA ILE B 190 1.56 -3.68 -6.86
C ILE B 190 0.19 -3.34 -7.48
N LEU B 191 0.10 -3.13 -8.79
CA LEU B 191 -1.20 -2.84 -9.46
C LEU B 191 -2.08 -4.08 -9.40
N ALA B 192 -1.50 -5.28 -9.43
CA ALA B 192 -2.24 -6.55 -9.38
C ALA B 192 -2.80 -6.78 -7.98
N VAL B 193 -2.23 -6.16 -6.95
CA VAL B 193 -2.73 -6.34 -5.56
C VAL B 193 -4.00 -5.53 -5.25
N TYR B 194 -3.94 -4.20 -5.36
CA TYR B 194 -4.92 -3.21 -4.95
C TYR B 194 -6.10 -3.16 -5.92
N SER B 195 -5.91 -3.59 -7.16
CA SER B 195 -7.04 -3.78 -8.06
C SER B 195 -7.94 -4.90 -7.57
N THR B 196 -7.39 -5.85 -6.80
CA THR B 196 -8.17 -6.99 -6.33
C THR B 196 -8.91 -6.63 -5.04
N ASN B 197 -8.26 -5.90 -4.14
CA ASN B 197 -8.93 -5.43 -2.93
C ASN B 197 -9.98 -4.38 -3.26
N ALA B 198 -9.89 -3.76 -4.45
CA ALA B 198 -10.89 -2.79 -4.86
C ALA B 198 -12.18 -3.48 -5.29
N ILE B 199 -12.07 -4.46 -6.18
CA ILE B 199 -13.26 -5.13 -6.71
C ILE B 199 -13.99 -5.86 -5.61
N TYR B 200 -13.28 -6.31 -4.58
CA TYR B 200 -13.90 -7.04 -3.49
C TYR B 200 -14.85 -6.16 -2.70
N ALA B 201 -14.50 -4.90 -2.49
CA ALA B 201 -15.39 -3.99 -1.80
C ALA B 201 -16.69 -3.79 -2.57
N LEU B 202 -16.62 -3.86 -3.90
CA LEU B 202 -17.82 -3.77 -4.72
C LEU B 202 -18.59 -5.09 -4.72
N ASN B 203 -17.87 -6.21 -4.78
CA ASN B 203 -18.47 -7.52 -4.95
C ASN B 203 -18.97 -8.12 -3.65
N ASN B 204 -18.65 -7.50 -2.51
CA ASN B 204 -19.01 -8.09 -1.21
C ASN B 204 -20.52 -8.08 -1.00
N MET B 205 -21.13 -6.91 -1.06
CA MET B 205 -22.55 -6.72 -0.74
C MET B 205 -22.89 -7.26 0.64
N ASP B 215 -18.61 -12.67 -11.37
CA ASP B 215 -19.05 -13.10 -12.69
C ASP B 215 -19.46 -11.89 -13.51
N PHE B 216 -20.16 -10.95 -12.87
CA PHE B 216 -20.50 -9.69 -13.52
C PHE B 216 -19.26 -8.84 -13.74
N PHE B 217 -18.38 -8.80 -12.75
CA PHE B 217 -17.22 -7.92 -12.78
C PHE B 217 -16.09 -8.46 -13.63
N MET B 218 -15.94 -9.78 -13.70
CA MET B 218 -14.71 -10.37 -14.18
C MET B 218 -14.59 -10.25 -15.70
N LYS B 219 -15.62 -10.68 -16.41
CA LYS B 219 -15.66 -10.52 -17.87
C LYS B 219 -16.15 -9.11 -18.17
N ARG B 220 -15.22 -8.20 -18.43
CA ARG B 220 -15.53 -6.79 -18.47
C ARG B 220 -14.43 -6.08 -19.23
N THR B 221 -14.81 -5.27 -20.22
CA THR B 221 -13.86 -4.65 -21.12
C THR B 221 -14.38 -3.30 -21.56
N THR B 222 -13.52 -2.58 -22.30
CA THR B 222 -13.79 -1.21 -22.71
C THR B 222 -14.48 -1.11 -24.06
N ASP B 223 -14.46 -2.17 -24.85
CA ASP B 223 -15.12 -2.19 -26.16
C ASP B 223 -16.63 -2.31 -26.05
N GLU B 224 -17.19 -2.35 -24.85
CA GLU B 224 -18.63 -2.38 -24.61
C GLU B 224 -19.04 -1.06 -23.98
N THR B 225 -19.37 -0.09 -24.81
CA THR B 225 -19.89 1.18 -24.32
C THR B 225 -21.37 1.04 -23.98
N PHE B 226 -21.85 1.94 -23.12
CA PHE B 226 -23.17 1.81 -22.52
C PHE B 226 -24.28 1.76 -23.55
N ASP B 227 -24.11 2.45 -24.69
CA ASP B 227 -25.08 2.35 -25.77
C ASP B 227 -25.18 0.91 -26.27
N ASP B 228 -24.07 0.17 -26.22
CA ASP B 228 -24.06 -1.22 -26.64
C ASP B 228 -24.45 -2.16 -25.51
N PHE B 229 -24.26 -1.73 -24.26
CA PHE B 229 -24.57 -2.59 -23.12
C PHE B 229 -26.05 -2.56 -22.77
N GLU B 230 -26.70 -1.41 -22.95
CA GLU B 230 -28.12 -1.30 -22.62
C GLU B 230 -28.98 -2.10 -23.60
N LYS B 231 -28.41 -2.49 -24.75
CA LYS B 231 -29.13 -3.35 -25.67
C LYS B 231 -29.47 -4.70 -25.05
N LYS B 232 -28.71 -5.13 -24.05
CA LYS B 232 -28.93 -6.43 -23.42
C LYS B 232 -30.07 -6.40 -22.40
N LYS B 233 -30.84 -5.32 -22.32
CA LYS B 233 -32.06 -5.31 -21.53
C LYS B 233 -33.15 -6.09 -22.24
N GLU B 234 -33.36 -5.79 -23.51
CA GLU B 234 -34.39 -6.41 -24.33
C GLU B 234 -33.95 -7.77 -24.90
N SER B 235 -32.79 -8.27 -24.50
CA SER B 235 -32.27 -9.48 -25.11
C SER B 235 -33.12 -10.69 -24.74
N THR B 236 -33.21 -11.63 -25.69
CA THR B 236 -33.92 -12.89 -25.46
C THR B 236 -33.03 -13.96 -24.83
N ASN B 237 -31.72 -13.72 -24.73
CA ASN B 237 -30.79 -14.71 -24.22
C ASN B 237 -30.80 -14.69 -22.69
N SER B 238 -30.33 -15.78 -22.10
CA SER B 238 -30.37 -15.93 -20.65
C SER B 238 -29.22 -15.20 -19.97
N ARG B 239 -28.04 -15.19 -20.61
CA ARG B 239 -26.87 -14.58 -19.98
C ARG B 239 -26.90 -13.07 -20.11
N GLU B 240 -27.12 -12.58 -21.34
CA GLU B 240 -27.18 -11.14 -21.57
C GLU B 240 -28.30 -10.49 -20.75
N LYS B 241 -29.39 -11.22 -20.54
CA LYS B 241 -30.49 -10.67 -19.76
C LYS B 241 -30.10 -10.54 -18.28
N ALA B 242 -29.39 -11.54 -17.76
CA ALA B 242 -28.95 -11.48 -16.37
C ALA B 242 -27.76 -10.55 -16.18
N ASP B 243 -26.93 -10.37 -17.20
CA ASP B 243 -25.81 -9.45 -17.10
C ASP B 243 -26.30 -8.03 -16.89
N PHE B 244 -27.35 -7.64 -17.62
CA PHE B 244 -27.92 -6.30 -17.44
C PHE B 244 -28.74 -6.22 -16.17
N ASP B 245 -29.54 -7.26 -15.88
CA ASP B 245 -30.38 -7.22 -14.69
C ASP B 245 -29.53 -7.21 -13.42
N ALA B 246 -28.29 -7.66 -13.51
CA ALA B 246 -27.38 -7.57 -12.37
C ALA B 246 -26.89 -6.15 -12.17
N PHE B 247 -26.70 -5.41 -13.27
CA PHE B 247 -26.28 -4.02 -13.19
C PHE B 247 -27.30 -3.19 -12.43
N GLU B 248 -28.58 -3.36 -12.74
CA GLU B 248 -29.62 -2.63 -12.03
C GLU B 248 -29.65 -2.98 -10.55
N LYS B 249 -29.27 -4.21 -10.20
CA LYS B 249 -29.21 -4.59 -8.79
C LYS B 249 -27.99 -3.98 -8.11
N PHE B 250 -26.99 -3.56 -8.90
CA PHE B 250 -25.81 -2.93 -8.32
C PHE B 250 -26.09 -1.49 -7.95
N ILE B 251 -26.55 -0.68 -8.92
CA ILE B 251 -26.82 0.73 -8.65
C ILE B 251 -27.99 0.91 -7.70
N GLY B 252 -28.83 -0.11 -7.53
CA GLY B 252 -29.96 -0.04 -6.62
C GLY B 252 -29.63 -0.47 -5.22
N ASN B 253 -28.42 -0.16 -4.76
CA ASN B 253 -27.94 -0.54 -3.44
C ASN B 253 -27.54 0.70 -2.66
N TYR B 254 -27.70 0.63 -1.34
CA TYR B 254 -27.36 1.75 -0.47
C TYR B 254 -25.86 1.89 -0.27
N ARG B 255 -25.11 0.81 -0.48
CA ARG B 255 -23.73 0.77 -0.03
C ARG B 255 -22.81 1.67 -0.87
N LEU B 256 -23.29 2.17 -2.01
CA LEU B 256 -22.52 3.11 -2.81
C LEU B 256 -22.26 4.43 -2.09
N ALA B 257 -22.95 4.71 -1.00
CA ALA B 257 -22.69 5.93 -0.25
C ALA B 257 -21.29 5.97 0.35
N TYR B 258 -20.67 4.81 0.54
CA TYR B 258 -19.31 4.76 1.07
C TYR B 258 -18.28 5.07 -0.02
N PHE B 259 -18.68 5.04 -1.29
CA PHE B 259 -17.83 5.35 -2.42
C PHE B 259 -18.22 6.66 -3.08
N ALA B 260 -18.57 7.68 -2.28
CA ALA B 260 -19.22 8.87 -2.81
C ALA B 260 -18.34 9.63 -3.79
N ASP B 261 -17.01 9.58 -3.61
CA ASP B 261 -16.12 10.40 -4.42
C ASP B 261 -16.19 10.00 -5.89
N ALA B 262 -16.55 8.75 -6.18
CA ALA B 262 -16.58 8.25 -7.55
C ALA B 262 -18.00 8.15 -8.08
N PHE B 263 -18.99 7.96 -7.19
CA PHE B 263 -20.35 7.63 -7.58
C PHE B 263 -21.36 8.75 -7.33
N TYR B 264 -21.00 9.78 -6.55
CA TYR B 264 -21.91 10.89 -6.27
C TYR B 264 -21.35 12.20 -6.81
N VAL B 265 -22.26 13.15 -7.01
CA VAL B 265 -21.95 14.51 -7.44
C VAL B 265 -22.88 15.44 -6.70
N ASN B 266 -22.43 16.68 -6.51
CA ASN B 266 -23.15 17.67 -5.71
C ASN B 266 -24.01 18.53 -6.63
N LYS B 267 -25.30 18.24 -6.66
CA LYS B 267 -26.26 19.05 -7.40
C LYS B 267 -27.69 18.63 -7.02
N LYS B 273 -32.43 24.82 -5.75
CA LYS B 273 -32.08 23.78 -4.79
C LYS B 273 -30.77 23.09 -5.20
N ALA B 274 -30.06 22.57 -4.21
CA ALA B 274 -28.80 21.87 -4.41
C ALA B 274 -28.61 20.80 -3.35
N LYS B 275 -27.97 19.70 -3.75
CA LYS B 275 -27.82 18.53 -2.90
C LYS B 275 -26.83 17.60 -3.56
N ASN B 276 -26.68 16.40 -2.99
CA ASN B 276 -25.74 15.39 -3.45
C ASN B 276 -26.48 14.11 -3.80
N VAL B 277 -26.32 13.66 -5.04
CA VAL B 277 -27.04 12.52 -5.60
C VAL B 277 -26.08 11.71 -6.46
N LEU B 278 -26.61 10.64 -7.05
CA LEU B 278 -25.82 9.75 -7.87
C LEU B 278 -25.55 10.35 -9.24
N ARG B 279 -24.59 9.76 -9.94
CA ARG B 279 -24.28 10.13 -11.30
C ARG B 279 -25.33 9.59 -12.25
N GLU B 280 -25.23 10.00 -13.50
CA GLU B 280 -26.00 9.37 -14.55
C GLU B 280 -25.60 7.91 -14.67
N ASP B 281 -26.56 7.06 -15.05
CA ASP B 281 -26.32 5.62 -15.06
C ASP B 281 -25.32 5.22 -16.14
N LYS B 282 -25.10 6.10 -17.13
CA LYS B 282 -24.15 5.80 -18.19
C LYS B 282 -22.73 5.68 -17.65
N GLU B 283 -22.32 6.60 -16.77
CA GLU B 283 -20.90 6.71 -16.43
C GLU B 283 -20.55 5.90 -15.19
N LEU B 284 -21.56 5.50 -14.39
CA LEU B 284 -21.31 4.51 -13.35
C LEU B 284 -20.79 3.22 -13.95
N TYR B 285 -21.41 2.78 -15.05
CA TYR B 285 -20.89 1.67 -15.83
C TYR B 285 -19.45 1.90 -16.24
N SER B 286 -19.15 3.12 -16.71
CA SER B 286 -17.82 3.41 -17.22
C SER B 286 -16.77 3.32 -16.12
N VAL B 287 -17.15 3.68 -14.89
CA VAL B 287 -16.21 3.63 -13.77
C VAL B 287 -15.80 2.20 -13.49
N LEU B 288 -16.77 1.34 -13.14
CA LEU B 288 -16.44 0.00 -12.70
C LEU B 288 -15.98 -0.87 -13.86
N THR B 289 -16.41 -0.53 -15.08
CA THR B 289 -15.88 -1.20 -16.25
C THR B 289 -14.38 -0.95 -16.40
N LEU B 290 -13.89 0.18 -15.90
CA LEU B 290 -12.53 0.58 -16.19
C LEU B 290 -11.55 -0.07 -15.23
N ILE B 291 -11.91 -0.12 -13.94
CA ILE B 291 -11.16 -0.89 -12.96
C ILE B 291 -11.39 -2.39 -13.08
N GLY B 292 -12.48 -2.81 -13.72
CA GLY B 292 -12.77 -4.21 -13.84
C GLY B 292 -11.88 -4.92 -14.84
N LYS B 293 -11.41 -4.17 -15.85
CA LYS B 293 -10.44 -4.73 -16.78
C LYS B 293 -9.03 -4.59 -16.23
N LEU B 294 -8.78 -3.57 -15.41
CA LEU B 294 -7.50 -3.43 -14.73
C LEU B 294 -7.14 -4.70 -13.98
N ARG B 295 -8.12 -5.30 -13.29
CA ARG B 295 -7.89 -6.58 -12.63
C ARG B 295 -7.59 -7.67 -13.66
N HIS B 296 -8.53 -7.89 -14.59
CA HIS B 296 -8.39 -8.97 -15.55
C HIS B 296 -7.17 -8.80 -16.45
N TRP B 297 -6.59 -7.59 -16.50
CA TRP B 297 -5.35 -7.37 -17.23
C TRP B 297 -4.13 -7.73 -16.38
N CYS B 298 -4.03 -7.12 -15.19
CA CYS B 298 -2.85 -7.29 -14.35
C CYS B 298 -2.66 -8.73 -13.94
N VAL B 299 -3.73 -9.41 -13.52
CA VAL B 299 -3.64 -10.74 -12.95
C VAL B 299 -3.38 -11.82 -13.99
N HIS B 300 -3.48 -11.50 -15.28
CA HIS B 300 -3.42 -12.47 -16.36
C HIS B 300 -2.35 -12.08 -17.35
N SER B 301 -2.14 -12.95 -18.34
CA SER B 301 -1.11 -12.73 -19.36
C SER B 301 -1.65 -12.01 -20.59
N GLU B 302 -2.91 -12.26 -20.94
CA GLU B 302 -3.59 -11.53 -22.01
C GLU B 302 -2.89 -11.71 -23.36
N GLU B 303 -2.70 -12.96 -23.74
CA GLU B 303 -2.06 -13.26 -25.02
C GLU B 303 -2.88 -12.69 -26.17
N GLY B 304 -2.30 -11.73 -26.87
CA GLY B 304 -2.93 -11.07 -27.99
C GLY B 304 -2.46 -9.64 -28.08
N ARG B 305 -3.37 -8.78 -28.56
CA ARG B 305 -3.10 -7.36 -28.69
C ARG B 305 -3.63 -6.54 -27.52
N ALA B 306 -4.33 -7.17 -26.57
CA ALA B 306 -4.85 -6.48 -25.40
C ALA B 306 -3.87 -6.46 -24.24
N GLU B 307 -2.70 -7.08 -24.38
CA GLU B 307 -1.70 -7.01 -23.31
C GLU B 307 -1.09 -5.63 -23.15
N PHE B 308 -1.38 -4.70 -24.06
CA PHE B 308 -0.87 -3.34 -23.99
C PHE B 308 -1.93 -2.34 -23.58
N TRP B 309 -2.92 -2.77 -22.81
CA TRP B 309 -4.04 -1.89 -22.46
C TRP B 309 -3.57 -0.71 -21.62
N LEU B 310 -2.94 -1.00 -20.48
CA LEU B 310 -2.51 0.05 -19.57
C LEU B 310 -1.47 0.95 -20.21
N TYR B 311 -0.70 0.43 -21.16
CA TYR B 311 0.34 1.18 -21.82
C TYR B 311 -0.14 1.84 -23.11
N LYS B 312 -1.38 1.58 -23.52
CA LYS B 312 -2.04 2.30 -24.60
C LYS B 312 -3.41 2.72 -24.08
N LEU B 313 -3.44 3.87 -23.42
CA LEU B 313 -4.67 4.46 -22.90
C LEU B 313 -5.18 5.63 -23.74
N ASP B 314 -4.38 6.11 -24.68
CA ASP B 314 -4.82 7.16 -25.59
C ASP B 314 -5.76 6.65 -26.68
N GLU B 315 -6.06 5.35 -26.70
CA GLU B 315 -6.95 4.74 -27.67
C GLU B 315 -8.32 4.42 -27.08
N LEU B 316 -8.67 4.99 -25.94
CA LEU B 316 -9.95 4.71 -25.32
C LEU B 316 -11.06 5.54 -25.96
N LYS B 317 -12.29 5.08 -25.74
CA LYS B 317 -13.48 5.79 -26.17
C LYS B 317 -13.66 7.06 -25.34
N ASP B 318 -14.50 7.96 -25.85
CA ASP B 318 -14.69 9.25 -25.18
C ASP B 318 -15.51 9.10 -23.91
N ASP B 319 -16.29 8.03 -23.80
CA ASP B 319 -17.13 7.84 -22.62
C ASP B 319 -16.27 7.62 -21.38
N PHE B 320 -15.08 7.05 -21.56
CA PHE B 320 -14.22 6.71 -20.42
C PHE B 320 -13.28 7.86 -20.08
N LYS B 321 -12.78 8.57 -21.09
CA LYS B 321 -11.91 9.70 -20.84
C LYS B 321 -12.63 10.79 -20.07
N ASN B 322 -13.93 10.98 -20.33
CA ASN B 322 -14.65 12.12 -19.80
C ASN B 322 -14.87 11.98 -18.30
N VAL B 323 -15.28 10.80 -17.86
CA VAL B 323 -15.56 10.59 -16.44
C VAL B 323 -14.29 10.75 -15.61
N LEU B 324 -13.15 10.34 -16.18
CA LEU B 324 -11.87 10.53 -15.49
C LEU B 324 -11.59 12.01 -15.25
N ASP B 325 -11.88 12.84 -16.25
CA ASP B 325 -11.65 14.27 -16.10
C ASP B 325 -12.62 14.88 -15.11
N VAL B 326 -13.83 14.34 -15.03
CA VAL B 326 -14.84 14.88 -14.13
C VAL B 326 -14.45 14.66 -12.68
N VAL B 327 -13.84 13.52 -12.37
CA VAL B 327 -13.52 13.19 -10.98
C VAL B 327 -12.13 13.69 -10.59
N TYR B 328 -11.24 13.89 -11.56
CA TYR B 328 -9.90 14.38 -11.23
C TYR B 328 -9.88 15.88 -11.00
N ASN B 329 -10.91 16.59 -11.47
CA ASN B 329 -10.96 18.05 -11.38
C ASN B 329 -11.79 18.56 -10.21
N ARG B 330 -12.58 17.71 -9.56
CA ARG B 330 -13.35 18.18 -8.41
C ARG B 330 -12.49 18.47 -7.18
N PRO B 331 -11.34 17.80 -6.93
CA PRO B 331 -10.55 18.22 -5.76
C PRO B 331 -9.82 19.54 -5.99
N VAL B 332 -9.21 19.72 -7.16
CA VAL B 332 -8.40 20.91 -7.40
C VAL B 332 -9.27 22.15 -7.31
N GLU B 333 -10.46 22.12 -7.90
CA GLU B 333 -11.39 23.23 -7.80
C GLU B 333 -11.84 23.49 -6.37
N GLU B 334 -11.69 22.52 -5.48
CA GLU B 334 -11.97 22.74 -4.07
C GLU B 334 -10.78 23.38 -3.37
N ILE B 335 -9.57 23.13 -3.86
CA ILE B 335 -8.38 23.70 -3.25
C ILE B 335 -8.06 25.07 -3.86
N ASN B 336 -7.79 25.11 -5.16
CA ASN B 336 -7.14 26.25 -5.78
C ASN B 336 -8.11 27.29 -6.31
N ASN B 337 -9.43 27.04 -6.24
CA ASN B 337 -10.39 28.07 -6.60
C ASN B 337 -10.31 29.23 -5.61
N ARG B 338 -10.50 28.93 -4.32
CA ARG B 338 -10.24 29.88 -3.25
C ARG B 338 -9.29 29.21 -2.26
N PHE B 339 -8.04 29.67 -2.26
CA PHE B 339 -6.99 29.14 -1.41
C PHE B 339 -6.67 30.10 -0.27
N ILE B 340 -6.77 31.41 -0.51
CA ILE B 340 -6.38 32.39 0.48
C ILE B 340 -7.39 32.45 1.61
N GLU B 341 -8.65 32.15 1.32
CA GLU B 341 -9.73 32.44 2.27
C GLU B 341 -9.85 31.36 3.34
N ASN B 342 -9.68 30.10 2.95
CA ASN B 342 -9.74 29.01 3.91
C ASN B 342 -8.43 28.79 4.65
N ASN B 343 -7.30 29.12 4.02
CA ASN B 343 -6.02 29.19 4.67
C ASN B 343 -5.68 30.62 5.11
N LYS B 344 -6.70 31.38 5.49
CA LYS B 344 -6.53 32.81 5.75
C LYS B 344 -5.81 33.05 7.08
N VAL B 345 -5.85 32.07 8.00
CA VAL B 345 -5.27 32.28 9.32
C VAL B 345 -3.76 32.16 9.26
N ASN B 346 -3.26 31.03 8.77
CA ASN B 346 -1.83 30.73 8.85
C ASN B 346 -1.02 31.76 8.07
N ILE B 347 -1.60 32.29 6.99
CA ILE B 347 -0.88 33.26 6.17
C ILE B 347 -0.73 34.59 6.91
N GLN B 348 -1.70 34.92 7.77
CA GLN B 348 -1.61 36.16 8.53
C GLN B 348 -0.62 36.05 9.68
N ILE B 349 -0.65 34.88 10.32
CA ILE B 349 0.19 34.60 11.52
C ILE B 349 1.63 34.47 11.07
N LEU B 350 1.86 34.30 9.76
CA LEU B 350 3.25 34.20 9.27
C LEU B 350 3.72 35.62 8.94
N GLY B 351 2.86 36.40 8.29
CA GLY B 351 3.21 37.79 7.94
C GLY B 351 3.72 38.57 9.15
N SER B 352 3.42 38.10 10.36
CA SER B 352 3.89 38.80 11.54
C SER B 352 5.38 38.58 11.76
N VAL B 353 5.84 37.34 11.63
CA VAL B 353 7.25 37.04 11.93
C VAL B 353 8.15 37.51 10.79
N TYR B 354 7.73 37.27 9.54
CA TYR B 354 8.47 37.71 8.37
C TYR B 354 7.94 39.07 7.95
N LYS B 355 8.24 40.09 8.75
CA LYS B 355 7.88 41.45 8.40
C LYS B 355 8.48 41.87 7.06
N ASN B 356 9.74 41.50 6.83
CA ASN B 356 10.50 42.02 5.70
C ASN B 356 10.06 41.42 4.36
N THR B 357 9.42 40.26 4.39
CA THR B 357 9.14 39.53 3.16
C THR B 357 7.87 40.06 2.51
N ASP B 358 7.84 40.04 1.17
CA ASP B 358 6.64 40.42 0.45
C ASP B 358 5.61 39.31 0.57
N ILE B 359 4.36 39.71 0.86
CA ILE B 359 3.33 38.74 1.22
C ILE B 359 3.01 37.82 0.05
N ALA B 360 3.22 38.29 -1.19
CA ALA B 360 2.80 37.52 -2.36
C ALA B 360 3.66 36.28 -2.54
N GLU B 361 4.98 36.42 -2.40
CA GLU B 361 5.85 35.27 -2.54
C GLU B 361 5.72 34.31 -1.36
N LEU B 362 5.40 34.83 -0.18
CA LEU B 362 5.18 33.97 0.97
C LEU B 362 4.04 32.99 0.70
N VAL B 363 2.98 33.47 0.06
CA VAL B 363 1.87 32.60 -0.33
C VAL B 363 2.35 31.52 -1.28
N ARG B 364 3.25 31.88 -2.20
CA ARG B 364 3.76 30.90 -3.16
C ARG B 364 4.51 29.80 -2.44
N SER B 365 5.35 30.17 -1.49
CA SER B 365 6.06 29.18 -0.69
C SER B 365 5.11 28.34 0.14
N TYR B 366 4.17 28.99 0.84
CA TYR B 366 3.23 28.26 1.68
C TYR B 366 2.33 27.34 0.86
N TYR B 367 2.13 27.65 -0.42
CA TYR B 367 1.37 26.75 -1.28
C TYR B 367 2.19 25.52 -1.63
N GLU B 368 3.39 25.71 -2.15
CA GLU B 368 4.22 24.59 -2.56
C GLU B 368 4.82 23.85 -1.38
N PHE B 369 4.85 24.47 -0.21
CA PHE B 369 5.15 23.74 1.02
C PHE B 369 4.00 22.81 1.39
N LEU B 370 2.80 23.37 1.53
CA LEU B 370 1.67 22.65 2.10
C LEU B 370 1.11 21.65 1.10
N ILE B 371 0.78 22.12 -0.10
CA ILE B 371 0.10 21.26 -1.07
C ILE B 371 1.08 20.30 -1.72
N THR B 372 2.07 20.82 -2.44
CA THR B 372 2.96 19.98 -3.23
C THR B 372 3.90 19.13 -2.38
N LYS B 373 4.02 19.42 -1.08
CA LYS B 373 4.83 18.62 -0.16
C LYS B 373 6.29 18.62 -0.60
N LYS B 374 6.81 19.79 -0.92
CA LYS B 374 8.23 19.90 -1.27
C LYS B 374 9.11 19.84 -0.03
N TYR B 375 8.52 19.80 1.16
CA TYR B 375 9.27 19.52 2.38
C TYR B 375 9.37 18.03 2.66
N LYS B 376 9.15 17.19 1.66
CA LYS B 376 9.32 15.74 1.76
C LYS B 376 10.17 15.17 0.64
N ASN B 377 10.87 16.01 -0.12
CA ASN B 377 11.87 15.60 -1.09
C ASN B 377 13.22 16.25 -0.80
N MET B 378 13.44 16.70 0.44
CA MET B 378 14.64 17.46 0.77
C MET B 378 15.87 16.56 0.84
N GLY B 379 15.68 15.30 1.24
CA GLY B 379 16.77 14.39 1.53
C GLY B 379 16.85 13.98 2.99
N PHE B 380 16.13 14.68 3.88
CA PHE B 380 16.08 14.34 5.29
C PHE B 380 14.68 14.62 5.82
N SER B 381 14.46 14.30 7.09
CA SER B 381 13.15 14.34 7.71
C SER B 381 13.03 15.60 8.55
N ILE B 382 12.02 16.42 8.26
CA ILE B 382 11.82 17.66 9.00
C ILE B 382 11.25 17.37 10.38
N LYS B 383 10.38 16.37 10.49
CA LYS B 383 9.68 16.15 11.75
C LYS B 383 10.60 15.55 12.81
N LYS B 384 11.51 14.67 12.40
CA LYS B 384 12.44 14.09 13.36
C LYS B 384 13.30 15.17 13.99
N LEU B 385 13.61 16.23 13.22
CA LEU B 385 14.26 17.40 13.78
C LEU B 385 13.29 18.15 14.69
N ARG B 386 12.03 18.27 14.26
CA ARG B 386 11.03 18.95 15.08
C ARG B 386 10.79 18.23 16.39
N GLU B 387 10.68 16.91 16.35
CA GLU B 387 10.37 16.15 17.57
C GLU B 387 11.49 16.27 18.59
N SER B 388 12.73 16.45 18.13
CA SER B 388 13.87 16.50 19.03
C SER B 388 14.09 17.88 19.64
N MET B 389 13.70 18.94 18.93
CA MET B 389 14.03 20.28 19.38
C MET B 389 13.04 20.78 20.43
N LEU B 390 11.74 20.53 20.25
CA LEU B 390 10.73 20.94 21.21
C LEU B 390 10.25 19.81 22.10
N GLU B 391 11.14 18.86 22.41
CA GLU B 391 10.77 17.69 23.20
C GLU B 391 10.23 18.10 24.57
N GLY B 392 11.06 18.80 25.35
CA GLY B 392 10.73 19.16 26.72
C GLY B 392 10.57 20.65 26.92
N LYS B 393 10.06 21.34 25.90
CA LYS B 393 9.94 22.79 25.94
C LYS B 393 8.57 23.28 26.34
N GLY B 394 7.66 22.38 26.73
CA GLY B 394 6.41 22.79 27.34
C GLY B 394 5.22 22.90 26.42
N TYR B 395 5.30 22.32 25.22
CA TYR B 395 4.20 22.33 24.27
C TYR B 395 3.48 21.00 24.18
N ALA B 396 3.76 20.05 25.09
CA ALA B 396 3.07 18.78 25.14
C ALA B 396 1.97 18.74 26.19
N ASP B 397 1.58 19.88 26.75
CA ASP B 397 0.50 19.94 27.72
C ASP B 397 -0.82 19.69 27.00
N LYS B 398 -1.92 19.58 27.76
CA LYS B 398 -3.24 19.47 27.15
C LYS B 398 -3.81 20.82 26.77
N GLU B 399 -3.20 21.92 27.23
CA GLU B 399 -3.60 23.23 26.74
C GLU B 399 -3.39 23.33 25.24
N TYR B 400 -2.28 22.76 24.74
CA TYR B 400 -1.94 22.78 23.32
C TYR B 400 -2.39 21.46 22.70
N ASP B 401 -3.70 21.29 22.54
CA ASP B 401 -4.26 20.11 21.88
C ASP B 401 -4.88 20.48 20.55
N SER B 402 -5.81 21.42 20.56
CA SER B 402 -6.42 21.89 19.31
C SER B 402 -5.47 22.78 18.54
N VAL B 403 -4.55 23.45 19.23
CA VAL B 403 -3.63 24.38 18.59
C VAL B 403 -2.43 23.65 18.00
N ARG B 404 -2.31 22.33 18.22
CA ARG B 404 -1.08 21.63 17.95
C ARG B 404 -0.76 21.61 16.45
N ASN B 405 -1.72 21.16 15.64
CA ASN B 405 -1.48 21.06 14.20
C ASN B 405 -1.24 22.43 13.59
N LYS B 406 -1.80 23.47 14.18
CA LYS B 406 -1.52 24.82 13.72
C LYS B 406 -0.06 25.18 13.97
N LEU B 407 0.52 24.62 15.03
CA LEU B 407 1.92 24.91 15.36
C LEU B 407 2.86 24.14 14.45
N TYR B 408 2.61 22.84 14.29
CA TYR B 408 3.54 22.00 13.53
C TYR B 408 3.53 22.34 12.05
N GLN B 409 2.39 22.83 11.53
CA GLN B 409 2.34 23.28 10.15
C GLN B 409 3.28 24.46 9.91
N MET B 410 3.46 25.29 10.94
CA MET B 410 4.27 26.50 10.77
C MET B 410 5.73 26.24 11.09
N THR B 411 5.98 25.49 12.16
CA THR B 411 7.36 25.20 12.55
C THR B 411 8.08 24.43 11.44
N ASP B 412 7.36 23.50 10.79
CA ASP B 412 7.94 22.80 9.65
C ASP B 412 8.19 23.74 8.48
N PHE B 413 7.48 24.87 8.41
CA PHE B 413 7.70 25.83 7.34
C PHE B 413 8.92 26.68 7.61
N ILE B 414 9.08 27.11 8.86
CA ILE B 414 10.19 27.98 9.22
C ILE B 414 11.51 27.28 8.95
N LEU B 415 11.53 25.95 9.14
CA LEU B 415 12.73 25.18 8.81
C LEU B 415 12.89 25.02 7.31
N TYR B 416 11.78 24.79 6.61
CA TYR B 416 11.83 24.59 5.16
C TYR B 416 12.42 25.81 4.45
N THR B 417 12.00 27.01 4.85
CA THR B 417 12.53 28.21 4.24
C THR B 417 13.93 28.51 4.74
N GLY B 418 14.30 27.97 5.91
CA GLY B 418 15.67 28.08 6.35
C GLY B 418 16.64 27.31 5.47
N TYR B 419 16.33 26.04 5.21
CA TYR B 419 17.25 25.18 4.48
C TYR B 419 17.21 25.40 2.98
N ILE B 420 16.24 26.17 2.47
CA ILE B 420 16.09 26.30 1.03
C ILE B 420 17.02 27.38 0.49
N ASN B 421 17.26 28.44 1.26
CA ASN B 421 17.93 29.65 0.77
C ASN B 421 19.25 29.91 1.47
N GLU B 422 19.28 29.96 2.81
CA GLU B 422 20.45 30.44 3.53
C GLU B 422 21.26 29.30 4.14
N ASP B 423 20.61 28.27 4.64
CA ASP B 423 21.27 27.13 5.27
C ASP B 423 21.38 25.95 4.32
N SER B 424 21.49 26.21 3.01
CA SER B 424 21.60 25.12 2.04
C SER B 424 22.85 24.28 2.26
N ASP B 425 23.92 24.91 2.74
CA ASP B 425 25.17 24.19 2.94
C ASP B 425 25.09 23.29 4.17
N ARG B 426 24.37 23.74 5.20
CA ARG B 426 24.19 22.91 6.39
C ARG B 426 23.35 21.68 6.10
N ALA B 427 22.53 21.73 5.04
CA ALA B 427 21.71 20.57 4.68
C ALA B 427 22.53 19.53 3.94
N ASP B 428 23.30 19.96 2.93
CA ASP B 428 24.10 19.03 2.15
C ASP B 428 25.10 18.28 3.02
N ASP B 429 25.54 18.89 4.11
CA ASP B 429 26.38 18.19 5.07
C ASP B 429 25.58 17.12 5.80
N LEU B 430 24.32 17.43 6.11
CA LEU B 430 23.46 16.46 6.80
C LEU B 430 23.19 15.25 5.91
N VAL B 431 22.86 15.50 4.64
CA VAL B 431 22.53 14.41 3.73
C VAL B 431 23.74 13.50 3.52
N ASN B 432 24.90 14.08 3.27
CA ASN B 432 26.11 13.30 3.07
C ASN B 432 26.63 12.67 4.35
N THR B 433 26.07 13.04 5.50
CA THR B 433 26.40 12.39 6.77
C THR B 433 25.53 11.16 6.99
N LEU B 434 24.21 11.29 6.78
CA LEU B 434 23.30 10.18 7.00
C LEU B 434 23.54 9.04 6.03
N ARG B 435 23.93 9.36 4.79
CA ARG B 435 24.33 8.32 3.85
C ARG B 435 25.48 7.49 4.41
N SER B 436 26.48 8.16 4.97
CA SER B 436 27.67 7.51 5.53
C SER B 436 27.47 7.36 7.04
N SER B 437 26.48 6.55 7.41
CA SER B 437 26.21 6.17 8.80
C SER B 437 25.95 4.66 8.79
N LEU B 438 26.64 3.88 9.63
CA LEU B 438 26.44 2.42 9.56
C LEU B 438 25.55 1.92 10.70
N LYS B 439 25.16 2.77 11.63
CA LYS B 439 24.29 2.30 12.74
C LYS B 439 23.18 3.33 12.94
N GLU B 440 22.05 2.92 13.51
CA GLU B 440 20.98 3.88 13.71
C GLU B 440 21.27 4.82 14.88
N ASP B 441 22.07 4.37 15.84
CA ASP B 441 22.46 5.25 16.93
C ASP B 441 23.28 6.44 16.44
N ASP B 442 23.93 6.31 15.27
CA ASP B 442 24.62 7.46 14.69
C ASP B 442 23.62 8.40 14.04
N LYS B 443 22.67 7.84 13.28
CA LYS B 443 21.67 8.66 12.59
C LYS B 443 20.82 9.43 13.58
N THR B 444 20.43 8.78 14.68
CA THR B 444 19.59 9.45 15.68
C THR B 444 20.34 10.59 16.35
N THR B 445 21.67 10.50 16.42
CA THR B 445 22.44 11.52 17.12
C THR B 445 22.52 12.81 16.32
N VAL B 446 22.82 12.71 15.01
CA VAL B 446 23.03 13.91 14.20
C VAL B 446 21.75 14.73 14.12
N TYR B 447 20.59 14.05 14.11
CA TYR B 447 19.34 14.79 14.21
C TYR B 447 19.26 15.55 15.53
N CYS B 448 19.75 14.95 16.61
CA CYS B 448 19.74 15.64 17.90
C CYS B 448 20.88 16.64 18.00
N LYS B 449 21.93 16.48 17.18
CA LYS B 449 22.98 17.49 17.12
C LYS B 449 22.46 18.77 16.48
N GLU B 450 21.91 18.67 15.28
CA GLU B 450 21.47 19.86 14.57
C GLU B 450 20.28 20.52 15.26
N ALA B 451 19.54 19.77 16.07
CA ALA B 451 18.32 20.29 16.67
C ALA B 451 18.60 21.44 17.63
N ASP B 452 19.59 21.29 18.51
CA ASP B 452 19.81 22.32 19.53
C ASP B 452 20.31 23.61 18.89
N TYR B 453 20.97 23.50 17.74
CA TYR B 453 21.27 24.68 16.94
C TYR B 453 20.00 25.37 16.50
N LEU B 454 19.01 24.58 16.07
CA LEU B 454 17.77 25.15 15.56
C LEU B 454 16.96 25.76 16.69
N TRP B 455 16.96 25.13 17.86
CA TRP B 455 16.11 25.62 18.94
C TRP B 455 16.57 26.98 19.45
N LYS B 456 17.87 27.21 19.52
CA LYS B 456 18.35 28.51 19.99
C LYS B 456 18.21 29.57 18.90
N LYS B 457 18.17 29.15 17.64
CA LYS B 457 17.98 30.09 16.55
C LYS B 457 16.50 30.47 16.41
N TYR B 458 15.65 29.49 16.12
CA TYR B 458 14.22 29.71 15.94
C TYR B 458 13.50 29.45 17.26
N ARG B 459 13.55 30.42 18.17
CA ARG B 459 12.90 30.30 19.47
C ARG B 459 11.80 31.33 19.64
N GLU B 460 12.15 32.61 19.44
CA GLU B 460 11.17 33.68 19.63
C GLU B 460 10.12 33.63 18.54
N SER B 461 10.52 33.29 17.32
CA SER B 461 9.57 33.11 16.23
C SER B 461 8.56 32.02 16.56
N ILE B 462 9.01 30.98 17.26
CA ILE B 462 8.11 29.90 17.64
C ILE B 462 7.11 30.37 18.68
N ARG B 463 7.60 30.94 19.78
CA ARG B 463 6.68 31.40 20.81
C ARG B 463 5.85 32.59 20.34
N GLU B 464 6.33 33.32 19.32
CA GLU B 464 5.51 34.36 18.71
C GLU B 464 4.36 33.76 17.92
N VAL B 465 4.48 32.50 17.52
CA VAL B 465 3.36 31.80 16.89
C VAL B 465 2.38 31.31 17.94
N ALA B 466 2.89 30.61 18.97
CA ALA B 466 2.01 29.96 19.92
C ALA B 466 1.15 30.96 20.68
N ASP B 467 1.71 32.11 21.02
CA ASP B 467 0.93 33.11 21.74
C ASP B 467 -0.07 33.83 20.84
N ALA B 468 0.01 33.63 19.53
CA ALA B 468 -0.98 34.15 18.59
C ALA B 468 -2.16 33.22 18.37
N LEU B 469 -2.02 31.94 18.70
CA LEU B 469 -3.04 30.93 18.47
C LEU B 469 -3.98 30.77 19.67
N ASP B 470 -4.09 31.78 20.51
CA ASP B 470 -4.80 31.64 21.78
C ASP B 470 -6.28 31.94 21.58
N GLY B 471 -6.99 31.04 20.89
CA GLY B 471 -8.43 31.13 20.82
C GLY B 471 -8.93 32.40 20.18
N ASP B 472 -9.37 33.34 21.04
CA ASP B 472 -9.96 34.60 20.64
C ASP B 472 -9.23 35.29 19.50
N ASN B 473 -7.91 35.17 19.43
CA ASN B 473 -7.17 35.78 18.33
C ASN B 473 -7.56 35.18 16.99
N ILE B 474 -7.89 33.89 16.97
CA ILE B 474 -8.24 33.26 15.70
C ILE B 474 -9.59 33.74 15.21
N LYS B 475 -10.47 34.16 16.11
CA LYS B 475 -11.75 34.72 15.69
C LYS B 475 -11.55 36.01 14.91
N LYS B 476 -10.69 36.90 15.41
CA LYS B 476 -10.42 38.15 14.71
C LYS B 476 -9.71 37.89 13.38
N LEU B 477 -8.81 36.91 13.35
CA LEU B 477 -8.03 36.65 12.14
C LEU B 477 -8.85 35.90 11.10
N SER B 478 -9.89 35.19 11.53
CA SER B 478 -10.81 34.58 10.58
C SER B 478 -11.86 35.57 10.10
N LYS B 479 -12.15 36.58 10.90
CA LYS B 479 -13.07 37.66 10.54
C LYS B 479 -12.23 38.88 10.22
N SER B 480 -11.75 38.96 8.98
CA SER B 480 -10.84 40.03 8.59
C SER B 480 -10.77 40.09 7.07
N ASN B 481 -10.58 41.31 6.56
CA ASN B 481 -10.54 41.58 5.13
C ASN B 481 -9.09 41.65 4.69
N ILE B 482 -8.78 40.96 3.60
CA ILE B 482 -7.45 40.96 3.00
C ILE B 482 -7.61 40.80 1.50
N GLU B 483 -6.69 41.40 0.74
CA GLU B 483 -6.67 41.29 -0.70
C GLU B 483 -5.23 41.14 -1.15
N ILE B 484 -4.94 40.02 -1.82
CA ILE B 484 -3.58 39.63 -2.15
C ILE B 484 -3.54 39.24 -3.62
N GLN B 485 -2.45 39.63 -4.30
CA GLN B 485 -2.29 39.32 -5.71
C GLN B 485 -1.96 37.84 -5.89
N GLU B 486 -2.76 37.17 -6.71
CA GLU B 486 -2.51 35.79 -7.09
C GLU B 486 -1.64 35.66 -8.33
N ASP B 487 -0.91 36.73 -8.69
CA ASP B 487 -0.13 36.73 -9.92
C ASP B 487 1.00 35.72 -9.84
N LYS B 488 1.68 35.69 -8.70
CA LYS B 488 2.77 34.74 -8.49
C LYS B 488 2.27 33.33 -8.26
N LEU B 489 1.14 33.18 -7.58
CA LEU B 489 0.66 31.88 -7.14
C LEU B 489 0.08 31.07 -8.29
N ARG B 490 -0.54 31.74 -9.27
CA ARG B 490 -1.32 31.04 -10.27
C ARG B 490 -0.48 30.21 -11.23
N LYS B 491 0.84 30.41 -11.24
CA LYS B 491 1.74 29.60 -12.05
C LYS B 491 2.33 28.43 -11.27
N CYS B 492 2.08 28.35 -9.96
CA CYS B 492 2.41 27.19 -9.15
C CYS B 492 1.22 26.28 -8.91
N PHE B 493 0.05 26.58 -9.46
CA PHE B 493 -1.12 25.74 -9.26
C PHE B 493 -0.90 24.37 -9.88
N ILE B 494 -1.80 23.46 -9.52
CA ILE B 494 -1.83 22.10 -10.05
C ILE B 494 -2.55 22.12 -11.38
N SER B 495 -2.08 21.31 -12.32
CA SER B 495 -2.72 21.23 -13.62
C SER B 495 -4.06 20.51 -13.50
N TYR B 496 -4.99 20.91 -14.35
CA TYR B 496 -6.29 20.25 -14.43
C TYR B 496 -6.16 18.99 -15.27
N ALA B 497 -7.27 18.27 -15.41
CA ALA B 497 -7.27 16.98 -16.08
C ALA B 497 -6.99 17.08 -17.58
N ASP B 498 -7.18 18.24 -18.18
CA ASP B 498 -6.93 18.39 -19.61
C ASP B 498 -5.45 18.28 -19.97
N SER B 499 -4.55 18.50 -19.00
CA SER B 499 -3.12 18.44 -19.26
C SER B 499 -2.55 17.05 -18.97
N VAL B 500 -2.93 16.45 -17.86
CA VAL B 500 -2.30 15.20 -17.42
C VAL B 500 -2.87 14.02 -18.20
N SER B 501 -2.21 12.88 -18.05
CA SER B 501 -2.45 11.72 -18.89
C SER B 501 -3.48 10.80 -18.25
N GLU B 502 -3.95 9.83 -19.03
CA GLU B 502 -4.99 8.91 -18.59
C GLU B 502 -4.48 7.96 -17.52
N PHE B 503 -3.18 7.64 -17.52
CA PHE B 503 -2.62 6.74 -16.53
C PHE B 503 -2.76 7.32 -15.13
N THR B 504 -2.29 8.55 -14.94
CA THR B 504 -2.33 9.17 -13.62
C THR B 504 -3.77 9.38 -13.16
N LYS B 505 -4.69 9.63 -14.10
CA LYS B 505 -6.08 9.79 -13.74
C LYS B 505 -6.72 8.45 -13.37
N LEU B 506 -6.23 7.37 -13.99
CA LEU B 506 -6.79 6.05 -13.72
C LEU B 506 -6.57 5.62 -12.28
N ILE B 507 -5.37 5.80 -11.76
CA ILE B 507 -5.08 5.29 -10.42
C ILE B 507 -5.76 6.16 -9.37
N TYR B 508 -5.99 7.43 -9.68
CA TYR B 508 -6.76 8.29 -8.78
C TYR B 508 -8.14 7.70 -8.53
N LEU B 509 -8.88 7.45 -9.61
CA LEU B 509 -10.13 6.71 -9.54
C LEU B 509 -10.00 5.45 -8.70
N LEU B 510 -8.94 4.68 -8.92
CA LEU B 510 -8.74 3.44 -8.18
C LEU B 510 -8.62 3.71 -6.67
N THR B 511 -7.82 4.72 -6.29
CA THR B 511 -7.59 5.01 -4.89
C THR B 511 -8.86 5.34 -4.12
N ARG B 512 -9.93 5.74 -4.80
CA ARG B 512 -11.15 6.09 -4.10
C ARG B 512 -11.99 4.87 -3.71
N PHE B 513 -11.48 3.66 -3.96
CA PHE B 513 -12.07 2.43 -3.46
C PHE B 513 -11.22 1.78 -2.39
N LEU B 514 -10.29 2.53 -1.79
CA LEU B 514 -9.24 1.98 -0.95
C LEU B 514 -9.18 2.73 0.37
N SER B 515 -8.35 2.23 1.27
CA SER B 515 -8.16 2.79 2.60
C SER B 515 -7.08 3.86 2.56
N GLY B 516 -6.62 4.27 3.73
CA GLY B 516 -5.59 5.27 3.83
C GLY B 516 -4.20 4.73 3.65
N LYS B 517 -3.83 3.73 4.46
CA LYS B 517 -2.49 3.17 4.42
C LYS B 517 -2.21 2.47 3.10
N GLU B 518 -3.25 2.10 2.35
CA GLU B 518 -3.08 1.44 1.07
C GLU B 518 -2.77 2.42 -0.05
N ILE B 519 -3.26 3.66 0.07
CA ILE B 519 -3.00 4.66 -0.95
C ILE B 519 -1.52 5.01 -0.98
N ASN B 520 -0.95 5.32 0.18
CA ASN B 520 0.46 5.69 0.25
C ASN B 520 1.35 4.59 -0.31
N ASP B 521 1.07 3.34 0.05
CA ASP B 521 1.91 2.24 -0.40
C ASP B 521 1.83 2.07 -1.92
N LEU B 522 0.76 2.57 -2.53
CA LEU B 522 0.62 2.47 -3.98
C LEU B 522 1.42 3.55 -4.69
N VAL B 523 1.09 4.81 -4.44
CA VAL B 523 1.75 5.91 -5.17
C VAL B 523 3.21 6.02 -4.76
N THR B 524 3.51 5.89 -3.46
CA THR B 524 4.88 6.01 -3.01
C THR B 524 5.77 4.94 -3.62
N THR B 525 5.20 3.77 -3.88
CA THR B 525 5.94 2.71 -4.55
C THR B 525 6.14 3.02 -6.02
N LEU B 526 5.17 3.70 -6.64
CA LEU B 526 5.25 3.94 -8.08
C LEU B 526 6.26 5.03 -8.41
N ILE B 527 6.33 6.08 -7.59
CA ILE B 527 7.26 7.17 -7.88
C ILE B 527 8.70 6.69 -7.80
N ASN B 528 8.97 5.75 -6.88
CA ASN B 528 10.31 5.17 -6.79
C ASN B 528 10.62 4.34 -8.02
N LYS B 529 9.63 3.59 -8.50
CA LYS B 529 9.88 2.68 -9.61
C LYS B 529 9.98 3.42 -10.94
N PHE B 530 9.36 4.60 -11.05
CA PHE B 530 9.58 5.42 -12.24
C PHE B 530 10.88 6.19 -12.14
N ASP B 531 11.19 6.71 -10.95
CA ASP B 531 12.46 7.40 -10.74
C ASP B 531 13.63 6.46 -10.97
N ASN B 532 13.49 5.21 -10.53
CA ASN B 532 14.51 4.20 -10.81
C ASN B 532 14.58 3.90 -12.31
N ILE B 533 13.44 3.90 -12.98
CA ILE B 533 13.42 3.69 -14.43
C ILE B 533 14.08 4.87 -15.14
N ARG B 534 13.90 6.07 -14.59
CA ARG B 534 14.52 7.24 -15.19
C ARG B 534 16.03 7.17 -15.15
N SER B 535 16.58 6.86 -13.98
CA SER B 535 18.01 7.04 -13.77
C SER B 535 18.84 6.07 -14.61
N PHE B 536 18.24 4.98 -15.08
CA PHE B 536 18.97 4.10 -15.99
C PHE B 536 18.95 4.62 -17.41
N LEU B 537 17.86 5.27 -17.81
CA LEU B 537 17.74 5.74 -19.19
C LEU B 537 18.76 6.83 -19.49
N GLU B 538 19.04 7.70 -18.52
CA GLU B 538 20.02 8.76 -18.76
C GLU B 538 21.42 8.20 -18.79
N ILE B 539 21.69 7.17 -17.98
CA ILE B 539 22.98 6.48 -18.03
C ILE B 539 23.22 5.91 -19.42
N MET B 540 22.30 5.10 -19.92
CA MET B 540 22.49 4.45 -21.22
C MET B 540 22.51 5.45 -22.37
N ASP B 541 22.14 6.71 -22.14
CA ASP B 541 22.39 7.75 -23.12
C ASP B 541 23.85 8.17 -23.08
N GLU B 542 24.42 8.28 -21.88
CA GLU B 542 25.80 8.73 -21.73
C GLU B 542 26.79 7.72 -22.30
N LEU B 543 26.39 6.47 -22.46
CA LEU B 543 27.28 5.38 -22.84
C LEU B 543 27.03 4.85 -24.25
N GLY B 544 26.00 5.35 -24.94
CA GLY B 544 25.81 5.01 -26.33
C GLY B 544 25.22 3.64 -26.56
N LEU B 545 24.13 3.35 -25.86
CA LEU B 545 23.45 2.07 -25.94
C LEU B 545 22.10 2.23 -26.62
N ASP B 546 21.49 1.10 -26.97
CA ASP B 546 20.17 1.10 -27.60
C ASP B 546 19.14 1.27 -26.49
N ARG B 547 18.64 2.48 -26.35
CA ARG B 547 17.65 2.83 -25.33
C ARG B 547 16.22 2.70 -25.84
N THR B 548 16.03 2.53 -27.14
CA THR B 548 14.70 2.60 -27.73
C THR B 548 13.90 1.36 -27.38
N PHE B 549 12.80 1.54 -26.66
CA PHE B 549 11.82 0.48 -26.47
C PHE B 549 11.22 0.10 -27.82
N THR B 550 10.47 -1.00 -27.82
CA THR B 550 9.73 -1.39 -29.00
C THR B 550 8.51 -0.49 -29.16
N ALA B 551 7.83 -0.62 -30.30
CA ALA B 551 6.76 0.30 -30.64
C ALA B 551 5.60 0.24 -29.65
N GLU B 552 5.40 -0.92 -29.01
CA GLU B 552 4.27 -1.09 -28.11
C GLU B 552 4.56 -0.62 -26.70
N TYR B 553 5.80 -0.74 -26.23
CA TYR B 553 6.19 -0.27 -24.90
C TYR B 553 6.81 1.12 -24.94
N SER B 554 6.37 1.97 -25.86
CA SER B 554 6.83 3.36 -25.90
C SER B 554 6.34 4.19 -24.73
N PHE B 555 5.47 3.64 -23.88
CA PHE B 555 4.91 4.37 -22.75
C PHE B 555 5.99 4.94 -21.84
N PHE B 556 7.14 4.27 -21.73
CA PHE B 556 8.13 4.62 -20.73
C PHE B 556 9.13 5.65 -21.20
N GLU B 557 9.19 5.98 -22.50
CA GLU B 557 10.10 7.02 -22.95
C GLU B 557 9.75 8.38 -22.38
N GLY B 558 8.50 8.57 -21.96
CA GLY B 558 8.07 9.77 -21.28
C GLY B 558 7.98 9.56 -19.79
N SER B 559 8.87 8.72 -19.25
CA SER B 559 8.81 8.39 -17.82
C SER B 559 9.14 9.60 -16.96
N THR B 560 9.86 10.59 -17.51
CA THR B 560 10.09 11.82 -16.78
C THR B 560 8.81 12.59 -16.57
N LYS B 561 7.82 12.39 -17.45
CA LYS B 561 6.55 13.07 -17.32
C LYS B 561 5.65 12.40 -16.29
N TYR B 562 5.46 11.08 -16.43
CA TYR B 562 4.56 10.36 -15.55
C TYR B 562 5.03 10.38 -14.10
N LEU B 563 6.34 10.58 -13.89
CA LEU B 563 6.86 10.72 -12.53
C LEU B 563 6.28 11.94 -11.83
N ALA B 564 6.37 13.10 -12.47
CA ALA B 564 6.00 14.34 -11.81
C ALA B 564 4.49 14.44 -11.61
N GLU B 565 3.72 13.85 -12.52
CA GLU B 565 2.26 13.80 -12.36
C GLU B 565 1.90 13.08 -11.07
N LEU B 566 2.63 12.01 -10.75
CA LEU B 566 2.33 11.23 -9.56
C LEU B 566 2.72 11.98 -8.30
N VAL B 567 3.68 12.90 -8.39
CA VAL B 567 4.07 13.67 -7.21
C VAL B 567 3.01 14.71 -6.90
N GLU B 568 2.41 15.31 -7.93
CA GLU B 568 1.23 16.14 -7.72
C GLU B 568 0.10 15.33 -7.10
N LEU B 569 -0.04 14.07 -7.52
CA LEU B 569 -1.15 13.25 -7.05
C LEU B 569 -0.97 12.89 -5.57
N ASN B 570 0.28 12.79 -5.12
CA ASN B 570 0.54 12.50 -3.71
C ASN B 570 0.19 13.68 -2.81
N SER B 571 -0.20 14.82 -3.37
CA SER B 571 -0.60 15.98 -2.57
C SER B 571 -2.04 15.85 -2.09
N PHE B 572 -2.97 15.71 -3.03
CA PHE B 572 -4.40 15.83 -2.75
C PHE B 572 -5.15 14.51 -2.81
N VAL B 573 -4.48 13.40 -3.04
CA VAL B 573 -5.17 12.11 -3.03
C VAL B 573 -5.56 11.73 -1.60
N LYS B 574 -4.79 12.19 -0.62
CA LYS B 574 -5.00 11.87 0.78
C LYS B 574 -5.69 13.00 1.54
N SER B 575 -5.85 14.17 0.91
CA SER B 575 -6.36 15.35 1.62
C SER B 575 -7.88 15.46 1.55
N CYS B 576 -8.41 15.57 0.34
CA CYS B 576 -9.82 15.86 0.16
C CYS B 576 -10.64 14.57 0.12
N SER B 577 -11.71 14.55 0.91
CA SER B 577 -12.69 13.48 0.90
C SER B 577 -14.05 14.10 1.13
N PHE B 578 -14.98 13.84 0.21
CA PHE B 578 -16.27 14.49 0.18
C PHE B 578 -17.30 13.60 0.86
N ASP B 579 -17.78 14.04 2.02
CA ASP B 579 -18.63 13.24 2.88
C ASP B 579 -20.08 13.59 2.63
N ILE B 580 -20.93 12.58 2.77
CA ILE B 580 -22.36 12.70 2.53
C ILE B 580 -23.09 12.81 3.86
N ASN B 581 -24.15 13.60 3.88
CA ASN B 581 -25.05 13.61 5.02
C ASN B 581 -25.64 12.21 5.22
N ALA B 582 -25.47 11.69 6.44
CA ALA B 582 -25.75 10.29 6.71
C ALA B 582 -27.20 9.93 6.43
N LYS B 583 -27.39 8.76 5.83
CA LYS B 583 -28.70 8.23 5.48
C LYS B 583 -29.17 7.30 6.58
N ARG B 584 -30.41 6.82 6.43
CA ARG B 584 -31.00 5.96 7.44
C ARG B 584 -30.29 4.62 7.55
N THR B 585 -29.97 4.01 6.40
CA THR B 585 -29.42 2.67 6.40
C THR B 585 -28.08 2.60 7.13
N MET B 586 -27.31 3.69 7.11
CA MET B 586 -26.07 3.73 7.86
C MET B 586 -26.33 3.55 9.35
N TYR B 587 -27.42 4.12 9.87
CA TYR B 587 -27.71 4.01 11.28
C TYR B 587 -28.04 2.59 11.69
N ARG B 588 -28.51 1.77 10.74
CA ARG B 588 -28.72 0.36 11.05
C ARG B 588 -27.41 -0.41 11.06
N ASP B 589 -26.54 -0.14 10.08
CA ASP B 589 -25.21 -0.76 10.09
C ASP B 589 -24.38 -0.28 11.27
N ALA B 590 -24.72 0.87 11.85
CA ALA B 590 -23.96 1.40 12.97
C ALA B 590 -24.28 0.67 14.26
N LEU B 591 -25.51 0.16 14.38
CA LEU B 591 -25.92 -0.54 15.60
C LEU B 591 -25.73 -2.05 15.47
N ASP B 592 -25.86 -2.57 14.24
CA ASP B 592 -25.56 -3.98 14.00
C ASP B 592 -24.13 -4.31 14.38
N ILE B 593 -23.18 -3.52 13.88
CA ILE B 593 -21.78 -3.71 14.24
C ILE B 593 -21.56 -3.51 15.72
N LEU B 594 -22.36 -2.67 16.36
CA LEU B 594 -22.14 -2.27 17.74
C LEU B 594 -22.83 -3.19 18.74
N GLY B 595 -23.84 -3.94 18.31
CA GLY B 595 -24.53 -4.90 19.14
C GLY B 595 -26.01 -4.63 19.22
N ILE B 596 -26.80 -5.66 18.94
CA ILE B 596 -28.25 -5.63 19.05
C ILE B 596 -28.69 -6.84 19.86
N GLU B 597 -29.71 -6.63 20.69
CA GLU B 597 -30.16 -7.68 21.60
C GLU B 597 -30.82 -8.81 20.83
N SER B 598 -30.85 -9.99 21.44
CA SER B 598 -31.26 -11.20 20.73
C SER B 598 -32.74 -11.16 20.37
N ASP B 599 -33.60 -10.99 21.37
CA ASP B 599 -35.04 -11.11 21.19
C ASP B 599 -35.65 -10.03 20.30
N LYS B 600 -34.91 -8.97 19.98
CA LYS B 600 -35.48 -7.89 19.19
C LYS B 600 -35.74 -8.36 17.76
N THR B 601 -36.88 -7.96 17.24
CA THR B 601 -37.36 -8.41 15.94
C THR B 601 -37.22 -7.29 14.91
N GLU B 602 -37.43 -7.64 13.64
CA GLU B 602 -37.33 -6.67 12.55
C GLU B 602 -38.32 -5.54 12.74
N GLU B 603 -39.48 -5.84 13.32
CA GLU B 603 -40.49 -4.81 13.58
C GLU B 603 -40.00 -3.82 14.62
N ASP B 604 -39.13 -4.24 15.53
CA ASP B 604 -38.74 -3.40 16.65
C ASP B 604 -37.52 -2.54 16.32
N ILE B 605 -36.54 -3.10 15.61
CA ILE B 605 -35.33 -2.36 15.32
C ILE B 605 -35.64 -1.15 14.44
N GLU B 606 -36.60 -1.30 13.52
CA GLU B 606 -37.02 -0.17 12.71
C GLU B 606 -37.76 0.89 13.53
N LYS B 607 -38.19 0.55 14.75
CA LYS B 607 -38.70 1.56 15.67
C LYS B 607 -37.58 2.18 16.49
N MET B 608 -36.52 1.41 16.77
CA MET B 608 -35.39 1.93 17.54
C MET B 608 -34.75 3.11 16.82
N ILE B 609 -34.58 3.00 15.50
CA ILE B 609 -34.01 4.10 14.73
C ILE B 609 -35.07 5.16 14.46
N ASP B 610 -36.34 4.77 14.45
CA ASP B 610 -37.42 5.74 14.34
C ASP B 610 -37.45 6.68 15.54
N ASN B 611 -36.96 6.24 16.69
CA ASN B 611 -36.80 7.13 17.83
C ASN B 611 -35.51 7.94 17.71
N ILE B 612 -34.51 7.40 17.03
CA ILE B 612 -33.30 8.17 16.76
C ILE B 612 -33.62 9.34 15.84
N LEU B 613 -34.20 9.05 14.68
CA LEU B 613 -34.48 10.06 13.68
C LEU B 613 -35.70 10.90 14.01
N GLN B 614 -36.38 10.65 15.13
CA GLN B 614 -37.50 11.47 15.59
C GLN B 614 -38.62 11.49 14.55
N ILE B 615 -38.83 10.33 13.92
CA ILE B 615 -39.79 10.17 12.83
C ILE B 615 -39.42 11.13 11.70
N LYS B 624 -41.26 19.43 18.88
CA LYS B 624 -39.96 19.34 19.54
C LYS B 624 -39.19 18.14 19.01
N LYS B 625 -37.88 18.32 18.81
CA LYS B 625 -37.02 17.30 18.23
C LYS B 625 -35.67 17.36 18.92
N ASN B 626 -35.28 16.28 19.60
CA ASN B 626 -33.97 16.15 20.21
C ASN B 626 -33.17 15.15 19.37
N ASN B 627 -32.00 15.59 18.89
CA ASN B 627 -31.14 14.78 18.03
C ASN B 627 -29.78 14.55 18.65
N GLY B 628 -29.69 14.52 19.98
CA GLY B 628 -28.41 14.27 20.63
C GLY B 628 -27.91 12.86 20.41
N LEU B 629 -28.82 11.92 20.14
CA LEU B 629 -28.43 10.53 19.93
C LEU B 629 -28.03 10.31 18.47
N ARG B 630 -28.73 10.98 17.56
CA ARG B 630 -28.38 10.90 16.14
C ARG B 630 -26.93 11.35 15.90
N ASN B 631 -26.47 12.34 16.67
CA ASN B 631 -25.12 12.84 16.49
C ASN B 631 -24.09 11.89 17.09
N PHE B 632 -24.45 11.23 18.20
CA PHE B 632 -23.55 10.27 18.82
C PHE B 632 -23.23 9.13 17.86
N ILE B 633 -24.27 8.57 17.23
CA ILE B 633 -24.09 7.45 16.33
C ILE B 633 -23.42 7.89 15.01
N ALA B 634 -23.42 9.20 14.74
CA ALA B 634 -22.81 9.70 13.52
C ALA B 634 -21.37 10.16 13.73
N SER B 635 -21.07 10.71 14.91
CA SER B 635 -19.74 11.24 15.17
C SER B 635 -18.78 10.16 15.61
N ASN B 636 -19.18 9.35 16.58
CA ASN B 636 -18.29 8.35 17.16
C ASN B 636 -18.15 7.10 16.31
N VAL B 637 -19.05 6.87 15.35
CA VAL B 637 -19.10 5.62 14.61
C VAL B 637 -18.93 5.85 13.11
N ILE B 638 -19.88 6.57 12.51
CA ILE B 638 -19.90 6.69 11.06
C ILE B 638 -18.74 7.54 10.55
N ASP B 639 -18.42 8.62 11.24
CA ASP B 639 -17.32 9.49 10.84
C ASP B 639 -15.95 8.93 11.21
N SER B 640 -15.88 7.70 11.70
CA SER B 640 -14.60 7.07 11.99
C SER B 640 -14.02 6.45 10.72
N ASN B 641 -12.72 6.66 10.49
CA ASN B 641 -12.05 5.98 9.39
C ASN B 641 -12.01 4.49 9.61
N ARG B 642 -12.19 4.04 10.85
CA ARG B 642 -12.24 2.62 11.17
C ARG B 642 -13.50 1.99 10.61
N PHE B 643 -14.66 2.58 10.92
CA PHE B 643 -15.93 2.06 10.44
C PHE B 643 -16.01 2.10 8.92
N LYS B 644 -15.42 3.14 8.33
CA LYS B 644 -15.45 3.27 6.87
C LYS B 644 -14.65 2.15 6.20
N TYR B 645 -13.77 1.50 6.94
CA TYR B 645 -13.00 0.39 6.41
C TYR B 645 -13.76 -0.92 6.57
N LEU B 646 -14.34 -1.14 7.76
CA LEU B 646 -14.95 -2.42 8.08
C LEU B 646 -16.15 -2.72 7.20
N VAL B 647 -16.87 -1.68 6.79
CA VAL B 647 -18.04 -1.88 5.92
C VAL B 647 -17.64 -2.07 4.46
N ARG B 648 -16.47 -1.58 4.06
CA ARG B 648 -15.98 -1.82 2.71
C ARG B 648 -15.60 -3.28 2.52
N TYR B 649 -14.71 -3.78 3.38
CA TYR B 649 -14.17 -5.13 3.24
C TYR B 649 -14.93 -6.17 4.05
N GLY B 650 -15.73 -5.75 5.04
CA GLY B 650 -16.51 -6.65 5.85
C GLY B 650 -17.98 -6.60 5.55
N ASN B 651 -18.77 -7.05 6.52
CA ASN B 651 -20.22 -7.02 6.48
C ASN B 651 -20.62 -6.98 7.95
N PRO B 652 -21.24 -5.90 8.43
CA PRO B 652 -21.08 -5.55 9.85
C PRO B 652 -21.61 -6.59 10.83
N LYS B 653 -22.64 -7.34 10.47
CA LYS B 653 -23.18 -8.32 11.40
C LYS B 653 -22.24 -9.52 11.53
N LYS B 654 -21.45 -9.81 10.49
CA LYS B 654 -20.39 -10.82 10.62
C LYS B 654 -19.31 -10.36 11.58
N ILE B 655 -19.19 -9.05 11.81
CA ILE B 655 -18.09 -8.52 12.60
C ILE B 655 -18.37 -8.70 14.08
N ARG B 656 -19.57 -8.35 14.54
CA ARG B 656 -19.89 -8.51 15.95
C ARG B 656 -19.91 -9.98 16.32
N GLU B 657 -20.35 -10.84 15.41
CA GLU B 657 -20.27 -12.27 15.65
C GLU B 657 -18.82 -12.75 15.73
N THR B 658 -17.91 -12.02 15.09
CA THR B 658 -16.50 -12.36 15.12
C THR B 658 -15.78 -11.85 16.37
N ALA B 659 -16.28 -10.78 16.99
CA ALA B 659 -15.69 -10.29 18.23
C ALA B 659 -15.93 -11.22 19.42
N LYS B 660 -16.70 -12.28 19.24
CA LYS B 660 -16.89 -13.30 20.26
C LYS B 660 -15.76 -14.33 20.28
N CYS B 661 -14.71 -14.12 19.49
CA CYS B 661 -13.51 -14.95 19.54
C CYS B 661 -12.52 -14.29 20.49
N LYS B 662 -12.68 -14.57 21.77
CA LYS B 662 -11.84 -14.06 22.85
C LYS B 662 -10.35 -14.24 22.62
N PRO B 663 -9.86 -15.38 22.09
CA PRO B 663 -8.40 -15.48 21.89
C PRO B 663 -7.86 -14.51 20.84
N ALA B 664 -8.45 -14.48 19.64
CA ALA B 664 -7.97 -13.56 18.61
C ALA B 664 -8.10 -12.11 19.07
N VAL B 665 -9.22 -11.78 19.71
CA VAL B 665 -9.40 -10.45 20.26
C VAL B 665 -8.34 -10.15 21.32
N ARG B 666 -7.91 -11.18 22.05
CA ARG B 666 -6.90 -10.96 23.08
C ARG B 666 -5.50 -10.92 22.48
N PHE B 667 -5.30 -11.53 21.31
CA PHE B 667 -4.00 -11.42 20.65
C PHE B 667 -3.78 -10.01 20.13
N VAL B 668 -4.85 -9.30 19.78
CA VAL B 668 -4.69 -7.94 19.27
C VAL B 668 -4.41 -6.99 20.42
N LEU B 669 -4.86 -7.32 21.64
CA LEU B 669 -4.63 -6.45 22.78
C LEU B 669 -3.21 -6.59 23.33
N ASN B 670 -2.68 -7.82 23.36
CA ASN B 670 -1.35 -8.04 23.92
C ASN B 670 -0.23 -7.77 22.92
N GLU B 671 -0.56 -7.28 21.72
CA GLU B 671 0.41 -6.67 20.83
C GLU B 671 0.48 -5.15 20.99
N ILE B 672 -0.49 -4.55 21.68
CA ILE B 672 -0.51 -3.13 21.95
C ILE B 672 0.40 -2.85 23.15
N PRO B 673 1.13 -1.73 23.20
CA PRO B 673 1.95 -1.48 24.39
C PRO B 673 1.12 -1.23 25.62
N ASP B 674 1.72 -1.46 26.79
CA ASP B 674 1.02 -1.27 28.05
C ASP B 674 0.76 0.21 28.32
N ALA B 675 1.45 1.11 27.62
CA ALA B 675 1.26 2.53 27.84
C ALA B 675 -0.02 3.02 27.18
N GLN B 676 -0.41 2.40 26.07
CA GLN B 676 -1.71 2.66 25.48
C GLN B 676 -2.83 2.09 26.37
N ILE B 677 -2.62 0.89 26.89
CA ILE B 677 -3.66 0.20 27.66
C ILE B 677 -4.02 0.99 28.90
N GLU B 678 -3.01 1.51 29.61
CA GLU B 678 -3.29 2.28 30.81
C GLU B 678 -3.96 3.61 30.49
N ARG B 679 -3.93 4.03 29.22
CA ARG B 679 -4.67 5.21 28.80
C ARG B 679 -6.13 4.88 28.53
N TYR B 680 -6.39 3.75 27.86
CA TYR B 680 -7.77 3.33 27.62
C TYR B 680 -8.43 2.90 28.93
N TYR B 681 -7.74 2.10 29.73
CA TYR B 681 -8.33 1.53 30.93
C TYR B 681 -8.78 2.61 31.91
N GLU B 682 -7.93 3.61 32.15
CA GLU B 682 -8.27 4.64 33.13
C GLU B 682 -9.48 5.44 32.68
N ALA B 683 -9.77 5.47 31.38
CA ALA B 683 -10.98 6.12 30.90
C ALA B 683 -12.20 5.20 31.05
N CYS B 684 -12.07 3.94 30.64
CA CYS B 684 -13.21 3.04 30.59
C CYS B 684 -13.53 2.39 31.93
N CYS B 685 -12.58 2.37 32.87
CA CYS B 685 -12.86 1.75 34.17
C CYS B 685 -13.82 2.59 35.00
N PRO B 686 -13.53 3.86 35.34
CA PRO B 686 -14.41 4.56 36.28
C PRO B 686 -15.77 4.88 35.69
N CYS B 692 -4.66 -4.42 38.74
CA CYS B 692 -3.91 -3.18 38.60
C CYS B 692 -2.67 -3.32 37.71
N SER B 693 -2.38 -4.54 37.25
CA SER B 693 -1.28 -4.80 36.34
C SER B 693 -1.79 -4.74 34.91
N ALA B 694 -0.89 -5.00 33.96
CA ALA B 694 -1.25 -4.87 32.54
C ALA B 694 -2.19 -6.00 32.12
N ASN B 695 -1.76 -7.25 32.30
CA ASN B 695 -2.56 -8.37 31.82
C ASN B 695 -3.88 -8.50 32.57
N LYS B 696 -3.98 -7.91 33.76
CA LYS B 696 -5.27 -7.85 34.44
C LYS B 696 -6.20 -6.86 33.74
N ARG B 697 -5.68 -5.67 33.42
CA ARG B 697 -6.43 -4.70 32.63
C ARG B 697 -6.81 -5.29 31.28
N ARG B 698 -5.91 -6.06 30.69
CA ARG B 698 -6.12 -6.51 29.31
C ARG B 698 -7.23 -7.56 29.24
N GLU B 699 -7.51 -8.23 30.36
CA GLU B 699 -8.62 -9.19 30.37
C GLU B 699 -9.95 -8.46 30.52
N LYS B 700 -9.96 -7.36 31.27
CA LYS B 700 -11.21 -6.63 31.50
C LYS B 700 -11.64 -5.89 30.25
N LEU B 701 -10.69 -5.57 29.36
CA LEU B 701 -11.04 -4.93 28.10
C LEU B 701 -11.55 -5.95 27.11
N ALA B 702 -11.11 -7.20 27.23
CA ALA B 702 -11.60 -8.26 26.35
C ALA B 702 -13.07 -8.55 26.59
N ASP B 703 -13.42 -8.91 27.82
CA ASP B 703 -14.82 -9.23 28.12
C ASP B 703 -15.72 -8.01 28.04
N MET B 704 -15.16 -6.80 28.20
CA MET B 704 -15.94 -5.60 27.96
C MET B 704 -16.30 -5.48 26.48
N ILE B 705 -15.45 -6.00 25.60
CA ILE B 705 -15.76 -6.00 24.18
C ILE B 705 -16.78 -7.09 23.87
N ALA B 706 -16.67 -8.23 24.53
CA ALA B 706 -17.55 -9.35 24.18
C ALA B 706 -18.98 -9.09 24.65
N GLU B 707 -19.17 -8.15 25.59
CA GLU B 707 -20.49 -7.65 25.96
C GLU B 707 -20.54 -6.18 25.59
N ILE B 708 -21.24 -5.86 24.52
CA ILE B 708 -21.34 -4.49 24.03
C ILE B 708 -22.61 -4.40 23.20
N LYS B 709 -23.38 -3.34 23.43
CA LYS B 709 -24.71 -3.23 22.83
C LYS B 709 -25.06 -1.77 22.60
N PHE B 710 -25.85 -1.54 21.56
CA PHE B 710 -26.47 -0.24 21.34
C PHE B 710 -27.29 0.19 22.54
N GLU B 711 -27.91 -0.77 23.24
CA GLU B 711 -28.80 -0.42 24.34
C GLU B 711 -28.04 0.18 25.51
N ASN B 712 -26.73 -0.04 25.59
CA ASN B 712 -25.94 0.65 26.60
C ASN B 712 -25.79 2.14 26.29
N PHE B 713 -25.99 2.53 25.02
CA PHE B 713 -25.77 3.88 24.57
C PHE B 713 -27.05 4.61 24.17
N SER B 714 -28.21 4.05 24.50
CA SER B 714 -29.48 4.70 24.15
C SER B 714 -29.73 5.96 24.96
N ASP B 715 -29.01 6.17 26.06
CA ASP B 715 -29.17 7.35 26.90
C ASP B 715 -28.34 8.53 26.44
N ALA B 716 -27.78 8.48 25.23
CA ALA B 716 -26.84 9.50 24.79
C ALA B 716 -27.47 10.88 24.61
N GLY B 717 -28.80 10.98 24.63
CA GLY B 717 -29.43 12.28 24.47
C GLY B 717 -29.15 13.23 25.61
N ASN B 718 -28.72 12.68 26.76
CA ASN B 718 -28.54 13.51 27.94
C ASN B 718 -27.18 14.17 27.98
N TYR B 719 -26.13 13.50 27.49
CA TYR B 719 -24.75 13.96 27.67
C TYR B 719 -24.02 14.28 26.37
N GLN B 720 -24.69 14.23 25.21
CA GLN B 720 -24.02 14.61 23.97
C GLN B 720 -23.56 16.06 24.01
N LYS B 721 -24.46 16.97 24.38
CA LYS B 721 -24.18 18.40 24.39
C LYS B 721 -23.01 18.77 25.31
N ALA B 722 -22.70 17.95 26.30
CA ALA B 722 -21.62 18.24 27.23
C ALA B 722 -20.28 18.27 26.52
N ASN B 723 -19.36 19.07 27.04
CA ASN B 723 -18.02 19.18 26.49
C ASN B 723 -17.10 18.19 27.17
N VAL B 724 -16.30 17.48 26.37
CA VAL B 724 -15.54 16.34 26.88
C VAL B 724 -14.43 16.80 27.80
N THR B 725 -13.96 18.04 27.66
CA THR B 725 -12.83 18.53 28.44
C THR B 725 -13.23 19.11 29.78
N SER B 726 -14.52 19.43 29.98
CA SER B 726 -14.98 19.97 31.24
C SER B 726 -14.97 18.89 32.32
N ARG B 727 -15.41 19.26 33.52
CA ARG B 727 -15.44 18.36 34.68
C ARG B 727 -16.88 18.30 35.17
N THR B 728 -17.62 17.30 34.70
CA THR B 728 -19.01 17.09 35.09
C THR B 728 -19.24 15.59 35.21
N SER B 729 -20.51 15.20 35.35
CA SER B 729 -20.88 13.79 35.30
C SER B 729 -21.17 13.36 33.87
N GLU B 730 -21.89 14.19 33.13
CA GLU B 730 -22.18 13.90 31.73
C GLU B 730 -20.91 13.78 30.91
N ALA B 731 -19.95 14.68 31.13
CA ALA B 731 -18.69 14.61 30.40
C ALA B 731 -17.91 13.35 30.76
N GLU B 732 -17.85 13.02 32.06
CA GLU B 732 -17.11 11.84 32.49
C GLU B 732 -17.80 10.57 31.99
N ILE B 733 -19.12 10.62 31.84
CA ILE B 733 -19.85 9.50 31.25
C ILE B 733 -19.63 9.47 29.75
N LYS B 734 -19.52 10.65 29.13
CA LYS B 734 -19.43 10.70 27.68
C LYS B 734 -18.14 10.06 27.19
N ARG B 735 -17.00 10.50 27.71
CA ARG B 735 -15.73 9.95 27.27
C ARG B 735 -15.63 8.46 27.59
N LYS B 736 -16.24 8.03 28.68
CA LYS B 736 -16.34 6.62 29.03
C LYS B 736 -17.04 5.86 27.91
N ASN B 737 -18.14 6.43 27.40
CA ASN B 737 -18.87 5.78 26.32
C ASN B 737 -18.15 5.90 24.98
N GLN B 738 -17.34 6.95 24.82
CA GLN B 738 -16.61 7.13 23.57
C GLN B 738 -15.52 6.09 23.39
N ALA B 739 -14.60 6.00 24.35
CA ALA B 739 -13.42 5.17 24.19
C ALA B 739 -13.76 3.71 24.00
N ILE B 740 -14.88 3.25 24.56
CA ILE B 740 -15.29 1.86 24.39
C ILE B 740 -15.57 1.58 22.92
N ILE B 741 -16.23 2.52 22.24
CA ILE B 741 -16.48 2.38 20.81
C ILE B 741 -15.17 2.50 20.05
N ARG B 742 -14.33 3.44 20.47
CA ARG B 742 -13.04 3.64 19.80
C ARG B 742 -12.14 2.42 19.97
N LEU B 743 -12.36 1.64 21.04
CA LEU B 743 -11.58 0.44 21.27
C LEU B 743 -12.15 -0.74 20.50
N TYR B 744 -13.49 -0.89 20.53
CA TYR B 744 -14.14 -1.97 19.80
C TYR B 744 -13.82 -1.92 18.32
N LEU B 745 -13.79 -0.71 17.74
CA LEU B 745 -13.58 -0.56 16.31
C LEU B 745 -12.10 -0.63 15.97
N THR B 746 -11.26 0.01 16.78
CA THR B 746 -9.83 0.03 16.51
C THR B 746 -9.24 -1.37 16.54
N VAL B 747 -9.65 -2.16 17.54
CA VAL B 747 -9.17 -3.54 17.64
C VAL B 747 -9.55 -4.33 16.40
N MET B 748 -10.80 -4.20 15.97
CA MET B 748 -11.29 -5.02 14.88
C MET B 748 -10.87 -4.46 13.52
N TYR B 749 -10.39 -3.21 13.48
CA TYR B 749 -9.76 -2.69 12.29
C TYR B 749 -8.45 -3.41 12.01
N ILE B 750 -7.72 -3.76 13.06
CA ILE B 750 -6.39 -4.32 12.91
C ILE B 750 -6.46 -5.75 12.41
N MET B 751 -7.38 -6.54 12.97
CA MET B 751 -7.55 -7.93 12.57
C MET B 751 -7.82 -8.05 11.08
N LEU B 752 -8.86 -7.35 10.60
CA LEU B 752 -9.23 -7.46 9.20
C LEU B 752 -8.18 -6.85 8.29
N LYS B 753 -7.39 -5.91 8.81
CA LYS B 753 -6.36 -5.28 8.00
C LYS B 753 -5.19 -6.23 7.76
N ASN B 754 -4.72 -6.90 8.81
CA ASN B 754 -3.56 -7.76 8.66
C ASN B 754 -3.88 -8.98 7.82
N LEU B 755 -5.13 -9.43 7.86
CA LEU B 755 -5.50 -10.65 7.14
C LEU B 755 -5.62 -10.40 5.64
N VAL B 756 -6.11 -9.22 5.27
CA VAL B 756 -6.20 -8.89 3.84
C VAL B 756 -4.84 -8.47 3.31
N ASN B 757 -3.95 -7.99 4.18
CA ASN B 757 -2.57 -7.73 3.75
C ASN B 757 -1.81 -9.03 3.58
N VAL B 758 -2.05 -10.00 4.46
CA VAL B 758 -1.49 -11.33 4.27
C VAL B 758 -2.05 -11.95 3.00
N ASN B 759 -3.33 -11.71 2.74
CA ASN B 759 -3.95 -12.17 1.50
C ASN B 759 -3.34 -11.49 0.30
N ALA B 760 -2.81 -10.28 0.50
CA ALA B 760 -2.28 -9.50 -0.61
C ALA B 760 -0.93 -10.02 -1.10
N ARG B 761 -0.32 -10.94 -0.34
CA ARG B 761 0.98 -11.47 -0.74
C ARG B 761 0.86 -12.78 -1.50
N TYR B 762 -0.31 -13.40 -1.52
CA TYR B 762 -0.54 -14.61 -2.31
C TYR B 762 -1.09 -14.28 -3.69
N VAL B 763 -1.89 -13.23 -3.80
CA VAL B 763 -2.30 -12.74 -5.11
C VAL B 763 -1.08 -12.38 -5.94
N ILE B 764 -0.04 -11.85 -5.30
CA ILE B 764 1.23 -11.60 -5.98
C ILE B 764 1.79 -12.91 -6.52
N ALA B 765 1.63 -14.00 -5.77
CA ALA B 765 2.25 -15.25 -6.15
C ALA B 765 1.56 -15.87 -7.36
N PHE B 766 0.23 -15.71 -7.47
CA PHE B 766 -0.49 -16.28 -8.60
C PHE B 766 -0.44 -15.36 -9.81
N HIS B 767 -0.20 -14.06 -9.58
CA HIS B 767 0.22 -13.19 -10.67
C HIS B 767 1.49 -13.72 -11.30
N CYS B 768 2.52 -13.94 -10.47
CA CYS B 768 3.83 -14.30 -10.98
C CYS B 768 3.82 -15.68 -11.63
N VAL B 769 2.83 -16.52 -11.33
CA VAL B 769 2.75 -17.83 -11.94
C VAL B 769 2.27 -17.73 -13.39
N GLU B 770 1.26 -16.89 -13.63
CA GLU B 770 0.79 -16.68 -14.99
C GLU B 770 1.71 -15.72 -15.74
N ARG B 771 2.45 -14.89 -15.02
CA ARG B 771 3.50 -14.08 -15.63
C ARG B 771 4.62 -14.97 -16.16
N ASP B 772 5.21 -15.77 -15.27
CA ASP B 772 6.39 -16.54 -15.62
C ASP B 772 6.09 -17.65 -16.61
N THR B 773 4.84 -18.13 -16.64
CA THR B 773 4.50 -19.27 -17.48
C THR B 773 4.64 -18.90 -18.96
N LYS B 774 4.11 -17.75 -19.35
CA LYS B 774 4.21 -17.33 -20.73
C LYS B 774 5.66 -17.06 -21.12
N LEU B 775 6.51 -16.69 -20.15
CA LEU B 775 7.89 -16.37 -20.45
C LEU B 775 8.72 -17.62 -20.68
N TYR B 776 8.60 -18.60 -19.79
CA TYR B 776 9.30 -19.86 -20.00
C TYR B 776 8.80 -20.55 -21.26
N ALA B 777 7.49 -20.45 -21.54
CA ALA B 777 6.94 -21.06 -22.73
C ALA B 777 7.50 -20.45 -24.00
N GLU B 778 7.84 -19.16 -23.96
CA GLU B 778 8.43 -18.51 -25.12
C GLU B 778 9.90 -18.90 -25.28
N SER B 779 10.54 -19.38 -24.22
CA SER B 779 11.95 -19.74 -24.26
C SER B 779 12.18 -21.17 -24.73
N GLY B 780 11.26 -21.77 -25.47
CA GLY B 780 11.42 -23.10 -26.01
C GLY B 780 10.88 -24.19 -25.11
N LEU B 781 10.68 -23.91 -23.82
CA LEU B 781 10.16 -24.90 -22.90
C LEU B 781 8.70 -25.21 -23.21
N GLU B 782 8.24 -26.36 -22.74
CA GLU B 782 6.87 -26.82 -22.94
C GLU B 782 6.25 -27.07 -21.58
N VAL B 783 5.29 -26.24 -21.21
CA VAL B 783 4.62 -26.33 -19.91
C VAL B 783 3.26 -26.99 -20.07
N GLY B 784 2.40 -26.40 -20.88
CA GLY B 784 1.03 -26.83 -21.04
C GLY B 784 0.06 -25.78 -20.49
N ASN B 785 -1.17 -26.23 -20.28
CA ASN B 785 -2.20 -25.36 -19.72
C ASN B 785 -2.04 -25.34 -18.21
N ILE B 786 -2.49 -24.23 -17.59
CA ILE B 786 -2.25 -24.02 -16.17
C ILE B 786 -3.55 -23.78 -15.42
N GLU B 787 -4.61 -23.34 -16.09
CA GLU B 787 -5.89 -23.13 -15.42
C GLU B 787 -6.49 -24.42 -14.90
N LYS B 788 -6.09 -25.57 -15.44
CA LYS B 788 -6.53 -26.86 -14.92
C LYS B 788 -5.64 -27.33 -13.77
N ASN B 789 -4.34 -27.14 -13.89
CA ASN B 789 -3.38 -27.56 -12.87
C ASN B 789 -2.36 -26.46 -12.69
N LYS B 790 -2.28 -25.91 -11.48
CA LYS B 790 -1.34 -24.84 -11.19
C LYS B 790 0.08 -25.35 -10.95
N THR B 791 0.25 -26.65 -10.76
CA THR B 791 1.57 -27.25 -10.59
C THR B 791 2.19 -27.67 -11.92
N ASN B 792 1.68 -27.17 -13.04
CA ASN B 792 2.18 -27.60 -14.34
C ASN B 792 3.47 -26.87 -14.69
N LEU B 793 3.77 -25.76 -14.03
CA LEU B 793 5.01 -25.05 -14.28
C LEU B 793 6.17 -25.68 -13.52
N THR B 794 6.06 -25.73 -12.19
CA THR B 794 7.20 -26.13 -11.37
C THR B 794 7.61 -27.57 -11.63
N MET B 795 6.71 -28.40 -12.17
CA MET B 795 7.14 -29.71 -12.63
C MET B 795 7.95 -29.60 -13.91
N ALA B 796 7.53 -28.73 -14.84
CA ALA B 796 8.26 -28.57 -16.07
C ALA B 796 9.63 -27.94 -15.84
N VAL B 797 9.76 -27.15 -14.78
CA VAL B 797 11.07 -26.65 -14.38
C VAL B 797 11.98 -27.80 -13.96
N MET B 798 11.43 -28.75 -13.21
CA MET B 798 12.18 -29.91 -12.76
C MET B 798 12.43 -30.91 -13.88
N GLY B 799 11.54 -31.00 -14.86
CA GLY B 799 11.59 -32.05 -15.84
C GLY B 799 10.86 -33.31 -15.45
N VAL B 800 9.91 -33.22 -14.52
CA VAL B 800 9.11 -34.35 -14.08
C VAL B 800 7.69 -34.17 -14.57
N LYS B 801 6.90 -35.22 -14.45
CA LYS B 801 5.53 -35.24 -14.93
C LYS B 801 4.72 -36.20 -14.06
N LEU B 802 3.41 -36.22 -14.30
CA LEU B 802 2.54 -37.26 -13.79
C LEU B 802 2.04 -38.11 -14.94
N GLU B 803 1.98 -39.42 -14.72
CA GLU B 803 1.61 -40.35 -15.79
C GLU B 803 0.12 -40.63 -15.78
N ASN B 804 -0.40 -41.12 -14.65
CA ASN B 804 -1.83 -41.29 -14.45
C ASN B 804 -2.18 -40.64 -13.10
N GLY B 805 -2.39 -39.33 -13.13
CA GLY B 805 -2.79 -38.58 -11.95
C GLY B 805 -1.74 -38.40 -10.88
N ILE B 806 -0.59 -39.08 -10.96
CA ILE B 806 0.41 -39.06 -9.91
C ILE B 806 1.79 -39.24 -10.55
N ILE B 807 2.81 -38.99 -9.75
CA ILE B 807 4.20 -38.99 -10.22
C ILE B 807 4.81 -40.35 -9.92
N LYS B 808 5.05 -41.14 -10.97
CA LYS B 808 5.78 -42.39 -10.84
C LYS B 808 7.29 -42.22 -11.03
N THR B 809 7.78 -40.99 -10.98
CA THR B 809 9.21 -40.71 -11.08
C THR B 809 9.79 -40.42 -9.70
N GLU B 810 11.02 -40.87 -9.47
CA GLU B 810 11.68 -40.77 -8.18
C GLU B 810 12.85 -39.79 -8.25
N PHE B 811 13.49 -39.61 -7.11
CA PHE B 811 14.57 -38.62 -7.01
C PHE B 811 15.82 -39.08 -7.74
N ASP B 812 16.52 -38.11 -8.32
CA ASP B 812 17.80 -38.36 -8.97
C ASP B 812 18.50 -37.01 -9.16
N LYS B 813 19.83 -37.05 -9.29
CA LYS B 813 20.61 -35.84 -9.39
C LYS B 813 20.76 -35.34 -10.82
N SER B 814 20.52 -36.20 -11.82
CA SER B 814 20.59 -35.75 -13.21
C SER B 814 19.54 -34.69 -13.50
N PHE B 815 18.42 -34.71 -12.76
CA PHE B 815 17.38 -33.71 -12.96
C PHE B 815 17.77 -32.37 -12.35
N ALA B 816 18.30 -32.40 -11.12
CA ALA B 816 18.62 -31.16 -10.43
C ALA B 816 19.68 -30.36 -11.16
N GLU B 817 20.81 -30.99 -11.49
CA GLU B 817 21.85 -30.30 -12.25
C GLU B 817 21.34 -29.82 -13.61
N ASN B 818 20.37 -30.52 -14.18
CA ASN B 818 19.79 -30.17 -15.47
C ASN B 818 18.45 -29.47 -15.32
N ALA B 819 18.24 -28.75 -14.23
CA ALA B 819 17.02 -27.96 -14.06
C ALA B 819 17.00 -26.80 -15.03
N ALA B 820 15.91 -26.03 -14.98
CA ALA B 820 15.68 -24.91 -15.88
C ALA B 820 15.88 -23.55 -15.22
N ASN B 821 16.38 -23.50 -13.98
CA ASN B 821 16.66 -22.23 -13.35
C ASN B 821 17.67 -22.41 -12.24
N ARG B 822 18.28 -21.29 -11.81
CA ARG B 822 19.42 -21.33 -10.91
C ARG B 822 19.02 -21.72 -9.49
N TYR B 823 17.73 -21.67 -9.15
CA TYR B 823 17.33 -22.04 -7.80
C TYR B 823 17.40 -23.54 -7.60
N LEU B 824 16.71 -24.31 -8.44
CA LEU B 824 16.57 -25.75 -8.28
C LEU B 824 17.79 -26.53 -8.75
N ARG B 825 18.90 -25.85 -9.05
CA ARG B 825 20.15 -26.57 -9.28
C ARG B 825 20.62 -27.29 -8.03
N ASN B 826 20.21 -26.81 -6.85
CA ASN B 826 20.53 -27.48 -5.60
C ASN B 826 19.68 -28.73 -5.47
N ALA B 827 20.22 -29.74 -4.79
CA ALA B 827 19.58 -31.05 -4.74
C ALA B 827 18.74 -31.23 -3.48
N ARG B 828 18.93 -30.39 -2.47
CA ARG B 828 18.13 -30.50 -1.26
C ARG B 828 16.72 -30.01 -1.50
N TRP B 829 16.58 -28.75 -1.93
CA TRP B 829 15.26 -28.18 -2.11
C TRP B 829 14.56 -28.73 -3.34
N TYR B 830 15.30 -29.29 -4.29
CA TYR B 830 14.68 -30.09 -5.33
C TYR B 830 13.92 -31.26 -4.72
N LYS B 831 14.51 -31.87 -3.69
CA LYS B 831 13.95 -33.09 -3.12
C LYS B 831 12.76 -32.78 -2.24
N LEU B 832 12.86 -31.75 -1.39
CA LEU B 832 11.79 -31.47 -0.44
C LEU B 832 10.52 -31.05 -1.16
N ILE B 833 10.64 -30.25 -2.22
CA ILE B 833 9.46 -29.87 -2.97
C ILE B 833 8.85 -31.09 -3.64
N LEU B 834 9.69 -32.02 -4.11
CA LEU B 834 9.17 -33.23 -4.73
C LEU B 834 8.37 -34.05 -3.72
N ASP B 835 8.82 -34.08 -2.47
CA ASP B 835 8.09 -34.80 -1.43
C ASP B 835 6.73 -34.14 -1.19
N ASN B 836 6.72 -32.82 -1.01
CA ASN B 836 5.47 -32.10 -0.82
C ASN B 836 4.58 -32.21 -2.05
N LEU B 837 5.19 -32.18 -3.24
CA LEU B 837 4.41 -32.10 -4.47
C LEU B 837 3.70 -33.40 -4.81
N LYS B 838 4.19 -34.54 -4.30
CA LYS B 838 3.55 -35.82 -4.55
C LYS B 838 2.35 -36.08 -3.64
N LYS B 839 2.12 -35.22 -2.64
CA LYS B 839 0.96 -35.32 -1.76
C LYS B 839 -0.01 -34.16 -1.91
N SER B 840 0.09 -33.39 -2.98
CA SER B 840 -0.92 -32.40 -3.32
C SER B 840 -1.99 -33.03 -4.20
N GLU B 841 -3.03 -32.25 -4.48
CA GLU B 841 -4.09 -32.64 -5.40
C GLU B 841 -4.50 -31.45 -6.25
N ARG B 842 -5.11 -31.76 -7.39
CA ARG B 842 -5.42 -30.74 -8.38
C ARG B 842 -6.61 -29.88 -7.94
N ALA B 843 -7.57 -30.48 -7.25
CA ALA B 843 -8.82 -29.79 -6.97
C ALA B 843 -8.65 -28.75 -5.86
N VAL B 844 -7.87 -29.08 -4.84
CA VAL B 844 -7.72 -28.17 -3.71
C VAL B 844 -6.92 -26.93 -4.12
N VAL B 845 -5.99 -27.10 -5.07
CA VAL B 845 -5.15 -25.98 -5.48
C VAL B 845 -5.96 -24.98 -6.29
N ASN B 846 -6.77 -25.46 -7.23
CA ASN B 846 -7.60 -24.56 -8.03
C ASN B 846 -8.61 -23.83 -7.17
N GLU B 847 -8.98 -24.41 -6.04
CA GLU B 847 -9.86 -23.71 -5.09
C GLU B 847 -9.06 -22.74 -4.25
N PHE B 848 -7.79 -23.04 -3.98
CA PHE B 848 -6.96 -22.16 -3.18
C PHE B 848 -6.76 -20.82 -3.89
N ARG B 849 -6.72 -20.82 -5.22
CA ARG B 849 -6.68 -19.57 -5.96
C ARG B 849 -7.97 -18.79 -5.76
N ASN B 850 -9.10 -19.44 -6.03
CA ASN B 850 -10.39 -18.75 -5.97
C ASN B 850 -10.75 -18.31 -4.57
N THR B 851 -10.02 -18.80 -3.55
CA THR B 851 -10.25 -18.35 -2.19
C THR B 851 -9.42 -17.11 -1.85
N VAL B 852 -8.26 -16.96 -2.50
CA VAL B 852 -7.38 -15.82 -2.21
C VAL B 852 -7.60 -14.69 -3.19
N CYS B 853 -7.82 -14.99 -4.47
CA CYS B 853 -8.01 -13.95 -5.46
C CYS B 853 -9.38 -13.29 -5.36
N HIS B 854 -10.38 -14.00 -4.83
CA HIS B 854 -11.71 -13.45 -4.59
C HIS B 854 -11.95 -13.13 -3.12
N LEU B 855 -11.04 -13.50 -2.23
CA LEU B 855 -11.13 -13.20 -0.81
C LEU B 855 -12.38 -13.82 -0.17
N ASN B 856 -12.75 -15.02 -0.64
CA ASN B 856 -13.88 -15.72 -0.05
C ASN B 856 -13.57 -16.25 1.35
N ALA B 857 -12.32 -16.18 1.78
CA ALA B 857 -11.97 -16.70 3.11
C ALA B 857 -12.41 -15.76 4.21
N ILE B 858 -12.24 -14.45 4.00
CA ILE B 858 -12.65 -13.44 4.98
C ILE B 858 -13.97 -12.79 4.62
N ARG B 859 -14.47 -13.02 3.41
CA ARG B 859 -15.87 -12.72 3.12
C ARG B 859 -16.77 -13.51 4.05
N ASN B 860 -16.45 -14.79 4.26
CA ASN B 860 -17.11 -15.65 5.23
C ASN B 860 -16.09 -15.96 6.32
N ILE B 861 -15.97 -15.06 7.30
CA ILE B 861 -14.94 -15.16 8.32
C ILE B 861 -15.51 -15.83 9.55
N ASN B 862 -16.72 -15.44 9.96
CA ASN B 862 -17.30 -15.99 11.18
C ASN B 862 -17.63 -17.47 11.03
N ILE B 863 -18.03 -17.91 9.84
CA ILE B 863 -18.27 -19.32 9.62
C ILE B 863 -16.97 -20.11 9.75
N ASN B 864 -15.84 -19.50 9.40
CA ASN B 864 -14.58 -20.23 9.30
C ASN B 864 -13.73 -20.15 10.58
N ILE B 865 -14.03 -19.21 11.46
CA ILE B 865 -13.18 -18.91 12.62
C ILE B 865 -13.91 -19.29 13.91
N LYS B 866 -14.79 -20.30 13.83
CA LYS B 866 -15.69 -20.61 14.93
C LYS B 866 -14.96 -20.98 16.22
N GLU B 867 -13.89 -21.76 16.12
CA GLU B 867 -13.24 -22.32 17.30
C GLU B 867 -11.77 -22.57 17.03
N ILE B 868 -10.91 -21.91 17.79
CA ILE B 868 -9.47 -22.17 17.82
C ILE B 868 -8.97 -21.90 19.22
N LYS B 869 -7.98 -22.68 19.65
CA LYS B 869 -7.51 -22.58 21.03
C LYS B 869 -6.80 -21.26 21.28
N GLU B 870 -5.81 -20.95 20.45
CA GLU B 870 -4.94 -19.80 20.67
C GLU B 870 -4.61 -19.15 19.34
N VAL B 871 -3.95 -18.00 19.43
CA VAL B 871 -3.47 -17.26 18.28
C VAL B 871 -2.09 -16.73 18.62
N GLU B 872 -1.08 -17.16 17.87
CA GLU B 872 0.30 -16.76 18.08
C GLU B 872 0.77 -15.72 17.06
N ASN B 873 0.09 -15.59 15.93
CA ASN B 873 0.48 -14.65 14.89
C ASN B 873 -0.62 -14.62 13.84
N TYR B 874 -0.61 -13.55 13.03
CA TYR B 874 -1.60 -13.42 11.98
C TYR B 874 -1.37 -14.39 10.84
N PHE B 875 -0.19 -15.00 10.77
CA PHE B 875 0.05 -16.06 9.80
C PHE B 875 -0.75 -17.30 10.14
N ALA B 876 -0.79 -17.66 11.43
CA ALA B 876 -1.56 -18.81 11.87
C ALA B 876 -3.04 -18.63 11.57
N LEU B 877 -3.59 -17.50 12.00
CA LEU B 877 -5.02 -17.25 11.92
C LEU B 877 -5.52 -17.37 10.49
N TYR B 878 -4.85 -16.69 9.56
CA TYR B 878 -5.26 -16.73 8.16
C TYR B 878 -5.18 -18.15 7.62
N HIS B 879 -4.22 -18.94 8.11
CA HIS B 879 -4.07 -20.30 7.62
C HIS B 879 -4.93 -21.30 8.39
N TYR B 880 -5.70 -20.83 9.39
CA TYR B 880 -6.78 -21.66 9.91
C TYR B 880 -8.04 -21.49 9.08
N LEU B 881 -8.39 -20.24 8.81
CA LEU B 881 -9.58 -19.91 8.01
C LEU B 881 -9.57 -20.65 6.68
N ILE B 882 -8.50 -20.46 5.90
CA ILE B 882 -8.45 -20.98 4.55
C ILE B 882 -8.35 -22.50 4.53
N GLN B 883 -7.98 -23.11 5.66
CA GLN B 883 -8.08 -24.56 5.78
C GLN B 883 -9.49 -24.97 6.12
N LYS B 884 -10.14 -24.25 7.03
CA LYS B 884 -11.51 -24.58 7.41
C LYS B 884 -12.48 -24.27 6.27
N HIS B 885 -12.13 -23.32 5.41
CA HIS B 885 -12.93 -23.06 4.23
C HIS B 885 -12.89 -24.23 3.25
N LEU B 886 -11.81 -25.02 3.32
CA LEU B 886 -11.67 -26.17 2.43
C LEU B 886 -12.28 -27.42 3.04
N GLU B 887 -12.31 -27.49 4.37
CA GLU B 887 -13.05 -28.55 5.03
C GLU B 887 -14.54 -28.45 4.72
N ASN B 888 -15.11 -27.24 4.88
CA ASN B 888 -16.52 -27.03 4.57
C ASN B 888 -16.81 -27.17 3.08
N ARG B 889 -15.79 -27.10 2.23
CA ARG B 889 -15.97 -27.29 0.80
C ARG B 889 -15.78 -28.76 0.43
N PHE B 890 -14.72 -29.37 0.94
CA PHE B 890 -14.46 -30.81 0.75
C PHE B 890 -14.98 -31.53 1.98
N ALA B 891 -16.31 -31.54 2.13
CA ALA B 891 -16.98 -32.30 3.18
C ALA B 891 -17.83 -33.43 2.64
N ASP B 892 -18.23 -33.37 1.36
CA ASP B 892 -19.02 -34.40 0.72
C ASP B 892 -18.41 -34.87 -0.59
N LYS B 893 -17.09 -34.82 -0.73
CA LYS B 893 -16.40 -35.10 -1.98
C LYS B 893 -15.28 -36.11 -1.76
N LYS B 894 -14.75 -36.61 -2.87
CA LYS B 894 -13.62 -37.52 -2.84
C LYS B 894 -12.36 -36.80 -2.41
N VAL B 895 -11.55 -37.47 -1.58
CA VAL B 895 -10.26 -36.97 -1.13
C VAL B 895 -9.30 -38.15 -1.02
N GLU B 896 -8.05 -37.84 -0.72
CA GLU B 896 -6.96 -38.80 -0.67
C GLU B 896 -6.46 -38.97 0.76
N ARG B 897 -5.56 -39.94 0.93
CA ARG B 897 -5.03 -40.25 2.27
C ARG B 897 -4.26 -39.08 2.85
N ASP B 898 -3.52 -38.36 2.01
CA ASP B 898 -2.69 -37.26 2.50
C ASP B 898 -3.56 -36.08 2.91
N THR B 899 -4.59 -35.77 2.13
CA THR B 899 -5.46 -34.66 2.45
C THR B 899 -6.28 -34.94 3.70
N GLY B 900 -6.90 -36.12 3.77
CA GLY B 900 -7.72 -36.46 4.91
C GLY B 900 -6.93 -36.53 6.20
N ASP B 901 -5.64 -36.88 6.11
CA ASP B 901 -4.80 -36.91 7.30
C ASP B 901 -4.51 -35.49 7.78
N PHE B 902 -4.39 -34.54 6.85
CA PHE B 902 -4.18 -33.15 7.23
C PHE B 902 -5.44 -32.54 7.82
N ILE B 903 -6.58 -32.74 7.15
CA ILE B 903 -7.84 -32.24 7.69
C ILE B 903 -8.16 -32.88 9.03
N SER B 904 -7.73 -34.12 9.24
CA SER B 904 -7.97 -34.78 10.51
C SER B 904 -7.12 -34.16 11.62
N LYS B 905 -5.91 -33.72 11.28
CA LYS B 905 -5.08 -33.03 12.25
C LYS B 905 -5.53 -31.58 12.47
N LEU B 906 -6.46 -31.10 11.64
CA LEU B 906 -7.08 -29.80 11.86
C LEU B 906 -8.20 -29.87 12.89
N GLU B 907 -8.80 -31.05 13.09
CA GLU B 907 -9.91 -31.18 14.02
C GLU B 907 -9.42 -31.52 15.42
N GLU B 908 -8.41 -32.39 15.53
CA GLU B 908 -7.85 -32.74 16.82
C GLU B 908 -7.24 -31.51 17.46
N HIS B 909 -6.23 -30.95 16.80
CA HIS B 909 -5.69 -29.65 17.16
C HIS B 909 -6.43 -28.56 16.39
N LYS B 910 -7.08 -27.68 17.13
CA LYS B 910 -7.87 -26.60 16.55
C LYS B 910 -6.93 -25.49 16.10
N THR B 911 -6.12 -25.78 15.08
CA THR B 911 -5.23 -24.77 14.51
C THR B 911 -4.70 -25.27 13.17
N TYR B 912 -3.77 -24.51 12.58
CA TYR B 912 -3.37 -24.78 11.21
C TYR B 912 -2.30 -25.87 11.17
N CYS B 913 -2.44 -26.75 10.18
CA CYS B 913 -1.52 -27.85 9.96
C CYS B 913 -0.35 -27.35 9.12
N LYS B 914 0.82 -27.28 9.72
CA LYS B 914 1.99 -26.70 9.06
C LYS B 914 2.38 -27.50 7.81
N ASP B 915 2.26 -28.83 7.87
CA ASP B 915 2.59 -29.64 6.71
C ASP B 915 1.54 -29.59 5.62
N PHE B 916 0.40 -28.94 5.88
CA PHE B 916 -0.64 -28.78 4.87
C PHE B 916 -0.54 -27.43 4.18
N VAL B 917 0.08 -26.45 4.83
CA VAL B 917 0.36 -25.17 4.21
C VAL B 917 1.17 -25.36 2.95
N LYS B 918 2.25 -26.13 3.06
CA LYS B 918 3.21 -26.32 1.99
C LYS B 918 2.86 -27.45 1.05
N ALA B 919 1.59 -27.85 0.99
CA ALA B 919 1.12 -28.76 -0.04
C ALA B 919 0.40 -28.00 -1.15
N TYR B 920 -0.56 -27.15 -0.77
CA TYR B 920 -1.23 -26.29 -1.75
C TYR B 920 -0.41 -25.05 -2.09
N CYS B 921 0.57 -24.69 -1.27
CA CYS B 921 1.51 -23.63 -1.57
C CYS B 921 2.71 -24.12 -2.39
N THR B 922 2.60 -25.30 -3.00
CA THR B 922 3.64 -25.78 -3.89
C THR B 922 3.72 -25.10 -5.27
N PRO B 923 2.61 -24.60 -5.92
CA PRO B 923 2.69 -24.22 -7.35
C PRO B 923 3.78 -23.23 -7.70
N PHE B 924 4.30 -22.51 -6.71
CA PHE B 924 5.49 -21.68 -6.87
C PHE B 924 6.61 -22.29 -6.01
N GLY B 925 7.30 -23.25 -6.59
CA GLY B 925 8.52 -23.80 -6.06
C GLY B 925 9.68 -23.48 -6.97
N TYR B 926 9.38 -23.15 -8.23
CA TYR B 926 10.40 -22.68 -9.16
C TYR B 926 11.08 -21.43 -8.65
N ASN B 927 10.39 -20.63 -7.85
CA ASN B 927 11.00 -19.60 -7.00
C ASN B 927 11.03 -20.16 -5.59
N LEU B 928 12.19 -20.09 -4.95
CA LEU B 928 12.43 -20.85 -3.74
C LEU B 928 12.32 -19.98 -2.50
N VAL B 929 12.95 -18.80 -2.53
CA VAL B 929 12.90 -17.92 -1.37
C VAL B 929 11.50 -17.37 -1.18
N ARG B 930 10.69 -17.35 -2.23
CA ARG B 930 9.26 -17.08 -2.09
C ARG B 930 8.55 -18.23 -1.41
N TYR B 931 8.82 -19.46 -1.87
CA TYR B 931 8.22 -20.65 -1.29
C TYR B 931 8.53 -20.75 0.21
N LYS B 932 9.73 -20.36 0.62
CA LYS B 932 10.11 -20.49 2.02
C LYS B 932 9.48 -19.39 2.88
N ASN B 933 9.40 -18.17 2.35
CA ASN B 933 8.90 -17.07 3.16
C ASN B 933 7.41 -17.20 3.43
N LEU B 934 6.67 -17.75 2.46
CA LEU B 934 5.22 -17.84 2.58
C LEU B 934 4.77 -19.08 3.34
N THR B 935 5.59 -20.13 3.36
CA THR B 935 5.24 -21.39 4.01
C THR B 935 5.73 -21.49 5.44
N ILE B 936 6.64 -20.63 5.88
CA ILE B 936 7.37 -20.80 7.12
C ILE B 936 7.31 -19.50 7.90
N ASP B 937 6.68 -19.54 9.07
CA ASP B 937 6.70 -18.43 10.00
C ASP B 937 8.14 -18.07 10.35
N GLY B 938 8.32 -16.81 10.79
CA GLY B 938 9.63 -16.26 11.02
C GLY B 938 10.29 -15.69 9.79
N LEU B 939 10.02 -16.25 8.62
CA LEU B 939 10.50 -15.77 7.33
C LEU B 939 9.44 -15.03 6.54
N PHE B 940 8.23 -14.86 7.10
CA PHE B 940 7.11 -14.27 6.36
C PHE B 940 7.18 -12.75 6.38
N ASP B 941 7.11 -12.16 7.57
CA ASP B 941 7.03 -10.72 7.74
C ASP B 941 8.37 -10.19 8.23
N LYS B 942 8.87 -9.16 7.56
CA LYS B 942 10.17 -8.59 7.88
C LYS B 942 10.21 -7.89 9.24
N ASN B 943 9.07 -7.69 9.88
CA ASN B 943 9.01 -7.01 11.17
C ASN B 943 8.91 -7.98 12.33
N TYR B 944 8.47 -9.21 12.09
CA TYR B 944 8.30 -10.24 13.13
C TYR B 944 9.13 -11.45 12.75
N PRO B 945 10.45 -11.42 12.95
CA PRO B 945 11.29 -12.52 12.48
C PRO B 945 11.29 -13.72 13.42
N GLY B 946 11.80 -14.82 12.90
CA GLY B 946 11.86 -16.06 13.64
C GLY B 946 13.00 -16.94 13.17
N LYS B 947 12.76 -18.25 13.19
CA LYS B 947 13.75 -19.25 12.81
C LYS B 947 13.24 -20.10 11.65
N ASP B 948 14.19 -20.68 10.93
CA ASP B 948 13.90 -21.58 9.82
C ASP B 948 13.49 -22.93 10.41
N ASP B 949 13.24 -23.93 9.56
CA ASP B 949 12.83 -25.26 10.01
C ASP B 949 14.03 -26.19 10.22
N SER B 950 14.91 -26.28 9.22
CA SER B 950 16.07 -27.18 9.25
C SER B 950 15.65 -28.63 9.53
MG MG C . 13.52 -5.95 -6.87
#